data_4KVD
#
_entry.id   4KVD
#
_cell.length_a   122.788
_cell.length_b   122.788
_cell.length_c   202.532
_cell.angle_alpha   90.00
_cell.angle_beta   90.00
_cell.angle_gamma   120.00
#
_symmetry.space_group_name_H-M   'P 31 2 1'
#
loop_
_entity.id
_entity.type
_entity.pdbx_description
1 polymer 'Aristolochene synthase'
2 non-polymer 'PYROPHOSPHATE 2-'
3 non-polymer 'MAGNESIUM ION'
4 non-polymer GLYCEROL
5 non-polymer (1R,4aS,7S,8aR)-1,4a-dimethyl-7-(prop-1-en-2-yl)decahydroquinolinium
6 water water
#
_entity_poly.entity_id   1
_entity_poly.type   'polypeptide(L)'
_entity_poly.pdbx_seq_one_letter_code
;MHHHHHHLEPPPSTFQPLCHPLVEEVSKEVDGYFLQHWNFPNEKARKKFVAAGFSRVTCLYFPKALDDRIHFACRLLTVL
FLIDDLLEYMSFEEGSAYNEKLIPISRGDVLPDRSIPVEYIIYDLWESMRAHDREMADEILEPVFLFMRAQTDRTRARPM
GLGGYLEYRERDVGKELLAALMRFSMGLKLSPSELQRVREIDANCSKHLSVVNDIYSYEKELYTSKTAHSEGGILCTSVQ
ILAQEADVTAEAAKRVLFVMCREWELRHQLLVARLSAEGLETPGLAAYVEGLEYQMSGNELWSQTTLRYSVVVD
;
_entity_poly.pdbx_strand_id   A,B,C,D
#
loop_
_chem_comp.id
_chem_comp.type
_chem_comp.name
_chem_comp.formula
1SS non-polymer (1R,4aS,7S,8aR)-1,4a-dimethyl-7-(prop-1-en-2-yl)decahydroquinolinium 'C14 H26 N 1'
GOL non-polymer GLYCEROL 'C3 H8 O3'
MG non-polymer 'MAGNESIUM ION' 'Mg 2'
POP non-polymer 'PYROPHOSPHATE 2-' 'H2 O7 P2 -2'
#
# COMPACT_ATOMS: atom_id res chain seq x y z
N LEU A 8 -16.25 -38.54 4.32
CA LEU A 8 -17.29 -37.51 4.35
C LEU A 8 -17.24 -36.66 3.08
N GLU A 9 -18.41 -36.15 2.69
CA GLU A 9 -18.52 -35.35 1.47
C GLU A 9 -18.04 -33.92 1.70
N PRO A 10 -16.99 -33.51 0.99
CA PRO A 10 -16.47 -32.14 1.10
C PRO A 10 -17.46 -31.12 0.56
N PRO A 11 -17.65 -29.99 1.27
CA PRO A 11 -18.48 -28.89 0.77
C PRO A 11 -17.89 -28.32 -0.52
N PRO A 12 -18.71 -27.67 -1.35
CA PRO A 12 -18.25 -27.10 -2.61
C PRO A 12 -17.06 -26.15 -2.42
N SER A 13 -16.09 -26.25 -3.31
CA SER A 13 -14.94 -25.35 -3.29
C SER A 13 -14.71 -24.75 -4.68
N THR A 14 -14.29 -23.48 -4.70
CA THR A 14 -13.97 -22.82 -5.96
C THR A 14 -12.51 -23.01 -6.32
N PHE A 15 -11.74 -23.60 -5.40
CA PHE A 15 -10.32 -23.84 -5.63
C PHE A 15 -10.12 -25.04 -6.53
N GLN A 16 -9.40 -24.84 -7.62
CA GLN A 16 -9.05 -25.93 -8.53
C GLN A 16 -7.64 -26.43 -8.23
N PRO A 17 -7.53 -27.66 -7.70
CA PRO A 17 -6.23 -28.25 -7.36
C PRO A 17 -5.41 -28.54 -8.61
N LEU A 18 -4.11 -28.27 -8.55
CA LEU A 18 -3.20 -28.50 -9.66
C LEU A 18 -2.05 -29.38 -9.21
N CYS A 19 -1.56 -30.21 -10.12
CA CYS A 19 -0.43 -31.09 -9.81
C CYS A 19 0.71 -30.87 -10.79
N HIS A 20 1.94 -30.96 -10.29
CA HIS A 20 3.12 -30.77 -11.12
C HIS A 20 3.20 -31.86 -12.19
N PRO A 21 3.49 -31.47 -13.44
CA PRO A 21 3.52 -32.36 -14.60
C PRO A 21 4.45 -33.57 -14.44
N LEU A 22 5.54 -33.41 -13.70
CA LEU A 22 6.54 -34.46 -13.56
C LEU A 22 6.33 -35.32 -12.32
N VAL A 23 5.11 -35.36 -11.80
CA VAL A 23 4.82 -36.06 -10.55
C VAL A 23 5.18 -37.54 -10.60
N GLU A 24 4.93 -38.19 -11.73
CA GLU A 24 5.20 -39.63 -11.86
C GLU A 24 6.69 -39.93 -11.88
N GLU A 25 7.44 -39.15 -12.65
CA GLU A 25 8.89 -39.33 -12.75
C GLU A 25 9.58 -39.04 -11.41
N VAL A 26 9.21 -37.92 -10.79
CA VAL A 26 9.81 -37.50 -9.54
C VAL A 26 9.47 -38.45 -8.38
N SER A 27 8.24 -38.93 -8.35
CA SER A 27 7.82 -39.89 -7.33
C SER A 27 8.67 -41.15 -7.36
N LYS A 28 8.88 -41.69 -8.56
CA LYS A 28 9.71 -42.87 -8.72
C LYS A 28 11.14 -42.59 -8.26
N GLU A 29 11.65 -41.42 -8.63
CA GLU A 29 13.00 -41.01 -8.28
C GLU A 29 13.20 -40.89 -6.77
N VAL A 30 12.29 -40.19 -6.10
CA VAL A 30 12.43 -39.91 -4.68
C VAL A 30 12.04 -41.10 -3.80
N ASP A 31 10.96 -41.79 -4.15
CA ASP A 31 10.60 -43.02 -3.46
C ASP A 31 11.75 -44.03 -3.53
N GLY A 32 12.29 -44.21 -4.73
CA GLY A 32 13.39 -45.12 -4.94
C GLY A 32 14.61 -44.79 -4.10
N TYR A 33 14.87 -43.49 -3.93
CA TYR A 33 15.97 -43.03 -3.10
C TYR A 33 15.80 -43.46 -1.66
N PHE A 34 14.65 -43.11 -1.08
CA PHE A 34 14.37 -43.44 0.31
C PHE A 34 14.26 -44.95 0.55
N LEU A 35 13.79 -45.68 -0.46
CA LEU A 35 13.71 -47.13 -0.34
C LEU A 35 15.09 -47.76 -0.23
N GLN A 36 16.10 -47.09 -0.77
CA GLN A 36 17.47 -47.59 -0.69
C GLN A 36 18.16 -47.16 0.60
N HIS A 37 17.92 -45.92 1.03
CA HIS A 37 18.68 -45.33 2.14
C HIS A 37 18.00 -45.39 3.50
N TRP A 38 16.68 -45.20 3.53
CA TRP A 38 15.97 -45.17 4.81
C TRP A 38 15.82 -46.56 5.42
N ASN A 39 15.92 -46.64 6.74
CA ASN A 39 15.76 -47.91 7.45
C ASN A 39 14.32 -48.18 7.85
N PHE A 40 13.60 -48.91 7.01
CA PHE A 40 12.22 -49.29 7.31
C PHE A 40 12.21 -50.56 8.16
N PRO A 41 11.28 -50.64 9.12
CA PRO A 41 11.16 -51.80 10.01
C PRO A 41 10.89 -53.11 9.26
N ASN A 42 10.09 -53.04 8.20
CA ASN A 42 9.71 -54.24 7.45
C ASN A 42 9.19 -53.94 6.05
N GLU A 43 8.70 -54.98 5.38
CA GLU A 43 8.17 -54.82 4.03
C GLU A 43 6.84 -54.07 4.05
N LYS A 44 6.06 -54.32 5.11
CA LYS A 44 4.79 -53.64 5.29
C LYS A 44 4.96 -52.13 5.38
N ALA A 45 6.01 -51.70 6.09
CA ALA A 45 6.29 -50.27 6.23
C ALA A 45 6.77 -49.67 4.91
N ARG A 46 7.53 -50.44 4.15
CA ARG A 46 8.02 -50.01 2.85
C ARG A 46 6.87 -49.82 1.86
N LYS A 47 5.94 -50.77 1.86
CA LYS A 47 4.74 -50.67 1.01
C LYS A 47 3.91 -49.46 1.41
N LYS A 48 3.79 -49.24 2.71
CA LYS A 48 2.97 -48.17 3.25
C LYS A 48 3.56 -46.81 2.90
N PHE A 49 4.89 -46.73 2.90
CA PHE A 49 5.59 -45.51 2.52
C PHE A 49 5.27 -45.11 1.09
N VAL A 50 5.39 -46.06 0.17
CA VAL A 50 5.11 -45.82 -1.23
C VAL A 50 3.64 -45.49 -1.46
N ALA A 51 2.78 -46.17 -0.71
CA ALA A 51 1.33 -45.98 -0.81
C ALA A 51 0.91 -44.58 -0.39
N ALA A 52 1.67 -43.96 0.51
CA ALA A 52 1.34 -42.63 1.01
C ALA A 52 1.46 -41.58 -0.09
N GLY A 53 2.44 -41.75 -0.96
CA GLY A 53 2.66 -40.81 -2.06
C GLY A 53 3.13 -39.46 -1.56
N PHE A 54 4.29 -39.44 -0.92
CA PHE A 54 4.82 -38.21 -0.34
C PHE A 54 5.31 -37.23 -1.41
N SER A 55 5.64 -37.73 -2.58
CA SER A 55 6.03 -36.87 -3.68
C SER A 55 4.79 -36.35 -4.41
N ARG A 56 3.70 -37.10 -4.29
CA ARG A 56 2.43 -36.70 -4.89
C ARG A 56 1.86 -35.47 -4.21
N VAL A 57 1.91 -35.45 -2.87
CA VAL A 57 1.41 -34.30 -2.12
C VAL A 57 2.29 -33.08 -2.36
N THR A 58 3.60 -33.32 -2.51
CA THR A 58 4.53 -32.23 -2.77
C THR A 58 4.24 -31.60 -4.13
N CYS A 59 3.92 -32.43 -5.12
CA CYS A 59 3.62 -31.95 -6.46
C CYS A 59 2.26 -31.27 -6.50
N LEU A 60 1.38 -31.65 -5.58
CA LEU A 60 0.09 -31.00 -5.44
C LEU A 60 0.23 -29.69 -4.68
N TYR A 61 1.22 -29.64 -3.80
CA TYR A 61 1.51 -28.42 -3.03
C TYR A 61 2.17 -27.37 -3.91
N PHE A 62 3.12 -27.79 -4.72
CA PHE A 62 3.86 -26.86 -5.57
C PHE A 62 3.81 -27.28 -7.05
N PRO A 63 2.63 -27.11 -7.68
CA PRO A 63 2.44 -27.57 -9.06
C PRO A 63 3.19 -26.71 -10.07
N LYS A 64 3.52 -25.47 -9.70
CA LYS A 64 4.22 -24.57 -10.61
C LYS A 64 5.69 -24.42 -10.25
N ALA A 65 6.23 -25.41 -9.53
CA ALA A 65 7.64 -25.43 -9.22
C ALA A 65 8.45 -25.67 -10.49
N LEU A 66 9.68 -25.15 -10.51
CA LEU A 66 10.56 -25.35 -11.66
C LEU A 66 10.92 -26.83 -11.78
N ASP A 67 11.04 -27.31 -13.01
CA ASP A 67 11.26 -28.73 -13.29
C ASP A 67 12.51 -29.32 -12.61
N ASP A 68 13.55 -28.52 -12.47
CA ASP A 68 14.79 -29.00 -11.88
C ASP A 68 14.91 -28.70 -10.38
N ARG A 69 13.79 -28.33 -9.76
CA ARG A 69 13.80 -27.99 -8.34
C ARG A 69 12.73 -28.74 -7.55
N ILE A 70 11.77 -29.32 -8.25
CA ILE A 70 10.66 -30.01 -7.60
C ILE A 70 11.11 -31.22 -6.78
N HIS A 71 12.17 -31.89 -7.24
CA HIS A 71 12.66 -33.08 -6.54
C HIS A 71 13.24 -32.74 -5.17
N PHE A 72 13.83 -31.54 -5.05
CA PHE A 72 14.34 -31.08 -3.76
C PHE A 72 13.21 -31.01 -2.73
N ALA A 73 12.10 -30.39 -3.12
CA ALA A 73 10.96 -30.24 -2.23
C ALA A 73 10.37 -31.59 -1.85
N CYS A 74 10.32 -32.51 -2.80
CA CYS A 74 9.81 -33.86 -2.54
C CYS A 74 10.69 -34.59 -1.52
N ARG A 75 12.00 -34.40 -1.63
CA ARG A 75 12.94 -35.05 -0.71
C ARG A 75 12.81 -34.50 0.70
N LEU A 76 12.68 -33.18 0.81
CA LEU A 76 12.57 -32.53 2.12
C LEU A 76 11.26 -32.89 2.83
N LEU A 77 10.16 -32.82 2.09
CA LEU A 77 8.86 -33.18 2.66
C LEU A 77 8.81 -34.65 3.04
N THR A 78 9.42 -35.49 2.22
CA THR A 78 9.42 -36.93 2.47
C THR A 78 10.12 -37.28 3.78
N VAL A 79 11.30 -36.70 4.00
CA VAL A 79 12.07 -37.00 5.21
C VAL A 79 11.41 -36.42 6.46
N LEU A 80 10.81 -35.24 6.33
CA LEU A 80 10.12 -34.63 7.46
C LEU A 80 8.83 -35.39 7.80
N PHE A 81 8.23 -36.01 6.78
CA PHE A 81 7.09 -36.88 6.99
C PHE A 81 7.50 -38.09 7.81
N LEU A 82 8.61 -38.71 7.41
CA LEU A 82 9.12 -39.90 8.09
C LEU A 82 9.51 -39.61 9.54
N ILE A 83 10.12 -38.46 9.77
CA ILE A 83 10.51 -38.05 11.11
C ILE A 83 9.28 -37.75 11.98
N ASP A 84 8.30 -37.09 11.38
CA ASP A 84 7.05 -36.76 12.07
C ASP A 84 6.38 -38.00 12.67
N ASP A 85 6.44 -39.11 11.95
CA ASP A 85 5.90 -40.37 12.44
C ASP A 85 6.81 -40.98 13.50
N LEU A 86 8.11 -40.82 13.30
CA LEU A 86 9.12 -41.34 14.21
C LEU A 86 8.99 -40.74 15.62
N LEU A 87 8.63 -39.47 15.67
CA LEU A 87 8.54 -38.74 16.94
C LEU A 87 7.38 -39.21 17.81
N GLU A 88 6.41 -39.91 17.20
CA GLU A 88 5.24 -40.38 17.93
C GLU A 88 5.57 -41.48 18.94
N TYR A 89 6.74 -42.10 18.78
CA TYR A 89 7.17 -43.17 19.67
C TYR A 89 8.21 -42.69 20.67
N MET A 90 8.41 -41.38 20.74
CA MET A 90 9.37 -40.79 21.66
C MET A 90 8.68 -39.86 22.64
N SER A 91 9.36 -39.57 23.75
CA SER A 91 8.90 -38.53 24.66
C SER A 91 9.23 -37.18 24.02
N PHE A 92 8.74 -36.10 24.62
CA PHE A 92 9.05 -34.76 24.13
C PHE A 92 10.55 -34.50 24.24
N GLU A 93 11.15 -35.06 25.28
CA GLU A 93 12.57 -34.89 25.54
C GLU A 93 13.42 -35.64 24.51
N GLU A 94 13.08 -36.91 24.29
CA GLU A 94 13.76 -37.72 23.29
C GLU A 94 13.56 -37.15 21.89
N GLY A 95 12.36 -36.68 21.62
CA GLY A 95 12.01 -36.15 20.31
C GLY A 95 12.76 -34.85 20.01
N SER A 96 12.90 -34.02 21.02
CA SER A 96 13.65 -32.77 20.90
C SER A 96 15.13 -33.04 20.61
N ALA A 97 15.71 -33.98 21.34
CA ALA A 97 17.12 -34.32 21.16
C ALA A 97 17.37 -34.86 19.77
N TYR A 98 16.42 -35.65 19.27
CA TYR A 98 16.48 -36.21 17.93
C TYR A 98 16.50 -35.09 16.89
N ASN A 99 15.58 -34.15 17.01
CA ASN A 99 15.49 -33.03 16.08
C ASN A 99 16.67 -32.06 16.17
N GLU A 100 17.08 -31.74 17.39
CA GLU A 100 18.18 -30.80 17.59
C GLU A 100 19.49 -31.31 17.02
N LYS A 101 19.63 -32.63 16.96
CA LYS A 101 20.80 -33.27 16.38
C LYS A 101 20.89 -32.97 14.87
N LEU A 102 19.74 -32.91 14.22
CA LEU A 102 19.68 -32.75 12.77
C LEU A 102 19.83 -31.29 12.32
N ILE A 103 19.75 -30.37 13.28
CA ILE A 103 19.76 -28.93 12.96
C ILE A 103 21.13 -28.40 12.50
N PRO A 104 22.20 -28.67 13.26
CA PRO A 104 23.51 -28.24 12.75
C PRO A 104 23.88 -28.99 11.48
N ILE A 105 23.40 -30.23 11.37
CA ILE A 105 23.64 -31.03 10.17
C ILE A 105 22.93 -30.43 8.96
N SER A 106 21.72 -29.95 9.18
CA SER A 106 20.96 -29.28 8.13
C SER A 106 21.66 -28.00 7.69
N ARG A 107 22.24 -27.30 8.66
CA ARG A 107 23.00 -26.08 8.37
C ARG A 107 24.27 -26.40 7.59
N GLY A 108 24.78 -27.61 7.79
CA GLY A 108 26.02 -28.03 7.15
C GLY A 108 27.22 -27.81 8.05
N ASP A 109 26.97 -27.29 9.24
CA ASP A 109 28.05 -26.99 10.19
C ASP A 109 28.66 -28.27 10.76
N VAL A 110 27.91 -29.36 10.71
CA VAL A 110 28.36 -30.62 11.29
C VAL A 110 28.20 -31.78 10.31
N LEU A 111 29.25 -32.57 10.14
CA LEU A 111 29.23 -33.76 9.29
C LEU A 111 28.29 -34.82 9.88
N PRO A 112 27.62 -35.58 9.00
CA PRO A 112 26.68 -36.62 9.43
C PRO A 112 27.38 -37.95 9.70
N ASP A 113 26.83 -38.72 10.63
CA ASP A 113 27.25 -40.11 10.80
C ASP A 113 26.65 -40.88 9.63
N ARG A 114 27.51 -41.36 8.73
CA ARG A 114 27.03 -42.01 7.51
C ARG A 114 26.48 -43.40 7.74
N SER A 115 26.48 -43.84 8.99
CA SER A 115 25.86 -45.11 9.34
C SER A 115 24.43 -44.87 9.79
N ILE A 116 24.07 -43.61 9.95
CA ILE A 116 22.72 -43.23 10.35
C ILE A 116 22.00 -42.50 9.21
N PRO A 117 21.09 -43.20 8.52
CA PRO A 117 20.38 -42.72 7.34
C PRO A 117 19.81 -41.30 7.48
N VAL A 118 19.11 -41.04 8.58
CA VAL A 118 18.46 -39.74 8.74
C VAL A 118 19.48 -38.60 8.78
N GLU A 119 20.68 -38.91 9.25
CA GLU A 119 21.71 -37.88 9.36
C GLU A 119 22.32 -37.51 8.01
N TYR A 120 22.66 -38.51 7.20
CA TYR A 120 23.30 -38.23 5.91
C TYR A 120 22.30 -37.87 4.81
N ILE A 121 21.07 -38.34 4.94
CA ILE A 121 20.02 -37.95 4.01
C ILE A 121 19.75 -36.45 4.15
N ILE A 122 19.61 -36.00 5.39
CA ILE A 122 19.40 -34.59 5.69
C ILE A 122 20.57 -33.74 5.20
N TYR A 123 21.78 -34.20 5.51
CA TYR A 123 22.99 -33.47 5.13
C TYR A 123 23.14 -33.33 3.62
N ASP A 124 23.05 -34.46 2.91
CA ASP A 124 23.22 -34.47 1.46
C ASP A 124 22.15 -33.62 0.77
N LEU A 125 20.93 -33.67 1.32
CA LEU A 125 19.82 -32.93 0.77
C LEU A 125 20.11 -31.43 0.82
N TRP A 126 20.41 -30.92 2.02
CA TRP A 126 20.64 -29.49 2.21
C TRP A 126 21.87 -28.99 1.47
N GLU A 127 22.86 -29.86 1.31
CA GLU A 127 24.06 -29.51 0.55
C GLU A 127 23.71 -29.32 -0.92
N SER A 128 22.90 -30.23 -1.46
CA SER A 128 22.50 -30.18 -2.85
C SER A 128 21.58 -28.99 -3.13
N MET A 129 20.80 -28.59 -2.14
CA MET A 129 19.90 -27.45 -2.27
C MET A 129 20.68 -26.15 -2.30
N ARG A 130 21.66 -26.03 -1.41
CA ARG A 130 22.54 -24.86 -1.38
C ARG A 130 23.39 -24.80 -2.64
N ALA A 131 23.70 -25.96 -3.21
CA ALA A 131 24.49 -26.04 -4.43
C ALA A 131 23.70 -25.50 -5.63
N HIS A 132 22.39 -25.70 -5.60
CA HIS A 132 21.54 -25.25 -6.69
C HIS A 132 21.19 -23.77 -6.55
N ASP A 133 20.79 -23.38 -5.34
CA ASP A 133 20.46 -21.98 -5.05
C ASP A 133 20.75 -21.69 -3.58
N ARG A 134 21.94 -21.17 -3.31
CA ARG A 134 22.41 -20.94 -1.95
C ARG A 134 21.52 -19.96 -1.18
N GLU A 135 21.21 -18.83 -1.80
CA GLU A 135 20.42 -17.79 -1.14
C GLU A 135 19.02 -18.27 -0.74
N MET A 136 18.31 -18.91 -1.67
CA MET A 136 16.95 -19.35 -1.39
C MET A 136 16.89 -20.57 -0.48
N ALA A 137 17.90 -21.43 -0.56
CA ALA A 137 17.95 -22.61 0.30
C ALA A 137 18.15 -22.22 1.76
N ASP A 138 18.92 -21.17 1.98
CA ASP A 138 19.21 -20.69 3.33
C ASP A 138 17.98 -20.12 4.02
N GLU A 139 17.06 -19.60 3.22
CA GLU A 139 15.85 -18.98 3.76
C GLU A 139 14.83 -20.00 4.23
N ILE A 140 15.12 -21.28 3.99
CA ILE A 140 14.24 -22.36 4.41
C ILE A 140 14.65 -22.92 5.77
N LEU A 141 15.92 -22.71 6.12
CA LEU A 141 16.51 -23.28 7.34
C LEU A 141 15.72 -22.96 8.60
N GLU A 142 15.69 -21.69 8.98
CA GLU A 142 14.99 -21.26 10.18
C GLU A 142 13.48 -21.61 10.22
N PRO A 143 12.77 -21.45 9.08
CA PRO A 143 11.38 -21.92 9.07
C PRO A 143 11.24 -23.41 9.37
N VAL A 144 12.18 -24.21 8.88
CA VAL A 144 12.18 -25.65 9.16
C VAL A 144 12.46 -25.93 10.64
N PHE A 145 13.48 -25.25 11.18
CA PHE A 145 13.86 -25.43 12.59
C PHE A 145 12.71 -24.97 13.50
N LEU A 146 11.97 -23.97 13.04
CA LEU A 146 10.80 -23.48 13.75
C LEU A 146 9.76 -24.59 13.84
N PHE A 147 9.56 -25.28 12.73
CA PHE A 147 8.63 -26.41 12.67
C PHE A 147 9.11 -27.59 13.51
N MET A 148 10.39 -27.92 13.41
CA MET A 148 10.96 -29.06 14.14
C MET A 148 10.87 -28.87 15.64
N ARG A 149 11.04 -27.64 16.12
CA ARG A 149 11.00 -27.36 17.54
C ARG A 149 9.57 -27.26 18.07
N ALA A 150 8.63 -27.04 17.17
CA ALA A 150 7.22 -26.99 17.55
C ALA A 150 6.67 -28.39 17.76
N GLN A 151 7.28 -29.37 17.09
CA GLN A 151 6.82 -30.76 17.16
C GLN A 151 6.91 -31.36 18.55
N THR A 152 7.84 -30.85 19.37
CA THR A 152 8.01 -31.39 20.71
C THR A 152 7.76 -30.33 21.78
N ASP A 153 7.13 -29.24 21.37
CA ASP A 153 6.73 -28.18 22.30
C ASP A 153 5.80 -28.76 23.36
N ARG A 154 6.05 -28.43 24.62
CA ARG A 154 5.27 -28.97 25.73
C ARG A 154 3.81 -28.54 25.70
N THR A 155 3.50 -27.54 24.88
CA THR A 155 2.15 -27.04 24.75
C THR A 155 1.19 -28.08 24.17
N ARG A 156 1.75 -29.12 23.55
CA ARG A 156 0.93 -30.23 23.05
C ARG A 156 0.29 -30.98 24.21
N ALA A 157 0.89 -30.86 25.40
CA ALA A 157 0.37 -31.54 26.58
C ALA A 157 -0.47 -30.61 27.46
N ARG A 158 -0.74 -29.41 26.96
CA ARG A 158 -1.59 -28.46 27.67
C ARG A 158 -2.95 -28.33 26.99
N PRO A 159 -4.00 -28.06 27.78
CA PRO A 159 -5.33 -27.83 27.20
C PRO A 159 -5.32 -26.59 26.33
N MET A 160 -5.88 -26.68 25.13
CA MET A 160 -5.91 -25.57 24.20
C MET A 160 -7.30 -25.31 23.63
N GLY A 161 -7.63 -24.03 23.48
CA GLY A 161 -8.85 -23.65 22.77
C GLY A 161 -8.57 -23.65 21.28
N LEU A 162 -9.60 -23.35 20.49
CA LEU A 162 -9.46 -23.34 19.04
C LEU A 162 -8.46 -22.27 18.58
N GLY A 163 -8.60 -21.07 19.13
CA GLY A 163 -7.73 -19.96 18.76
C GLY A 163 -6.27 -20.20 19.11
N GLY A 164 -6.03 -20.68 20.33
CA GLY A 164 -4.68 -20.96 20.77
C GLY A 164 -4.04 -22.10 20.01
N TYR A 165 -4.85 -23.09 19.65
CA TYR A 165 -4.38 -24.23 18.87
C TYR A 165 -3.91 -23.80 17.48
N LEU A 166 -4.73 -23.05 16.77
CA LEU A 166 -4.40 -22.60 15.42
C LEU A 166 -3.16 -21.72 15.44
N GLU A 167 -2.99 -20.97 16.53
CA GLU A 167 -1.84 -20.10 16.67
C GLU A 167 -0.58 -20.94 16.81
N TYR A 168 -0.67 -22.01 17.57
CA TYR A 168 0.44 -22.94 17.72
C TYR A 168 0.64 -23.78 16.46
N ARG A 169 -0.46 -24.24 15.87
CA ARG A 169 -0.38 -25.16 14.74
C ARG A 169 0.29 -24.55 13.52
N GLU A 170 0.30 -23.23 13.43
CA GLU A 170 0.96 -22.54 12.32
C GLU A 170 2.44 -22.93 12.25
N ARG A 171 3.01 -23.29 13.39
CA ARG A 171 4.39 -23.75 13.44
C ARG A 171 4.49 -25.26 13.29
N ASP A 172 3.57 -25.98 13.93
CA ASP A 172 3.58 -27.44 13.87
C ASP A 172 3.15 -27.96 12.49
N VAL A 173 2.39 -27.15 11.77
CA VAL A 173 2.00 -27.49 10.41
C VAL A 173 3.05 -27.00 9.43
N GLY A 174 4.04 -26.27 9.95
CA GLY A 174 5.15 -25.80 9.14
C GLY A 174 4.78 -24.82 8.05
N LYS A 175 3.94 -23.85 8.40
CA LYS A 175 3.49 -22.84 7.44
C LYS A 175 4.64 -22.08 6.78
N GLU A 176 5.57 -21.60 7.59
CA GLU A 176 6.69 -20.82 7.07
C GLU A 176 7.61 -21.66 6.17
N LEU A 177 7.85 -22.90 6.56
CA LEU A 177 8.74 -23.77 5.78
C LEU A 177 8.12 -24.09 4.43
N LEU A 178 6.80 -24.27 4.41
CA LEU A 178 6.10 -24.54 3.17
C LEU A 178 6.15 -23.32 2.26
N ALA A 179 6.12 -22.13 2.86
CA ALA A 179 6.17 -20.88 2.12
C ALA A 179 7.54 -20.66 1.50
N ALA A 180 8.58 -20.83 2.31
CA ALA A 180 9.96 -20.64 1.85
C ALA A 180 10.36 -21.71 0.84
N LEU A 181 9.87 -22.93 1.04
CA LEU A 181 10.16 -24.02 0.12
C LEU A 181 9.46 -23.82 -1.22
N MET A 182 8.23 -23.30 -1.18
CA MET A 182 7.49 -23.00 -2.40
C MET A 182 8.25 -21.96 -3.22
N ARG A 183 8.74 -20.92 -2.55
CA ARG A 183 9.48 -19.86 -3.21
C ARG A 183 10.78 -20.39 -3.82
N PHE A 184 11.47 -21.23 -3.06
CA PHE A 184 12.69 -21.88 -3.53
C PHE A 184 12.42 -22.70 -4.80
N SER A 185 11.38 -23.53 -4.75
CA SER A 185 11.08 -24.46 -5.83
C SER A 185 10.61 -23.73 -7.09
N MET A 186 10.06 -22.54 -6.91
CA MET A 186 9.57 -21.73 -8.03
C MET A 186 10.58 -20.67 -8.43
N GLY A 187 11.63 -20.50 -7.62
CA GLY A 187 12.59 -19.45 -7.83
C GLY A 187 11.93 -18.10 -7.63
N LEU A 188 10.89 -18.08 -6.78
CA LEU A 188 10.12 -16.88 -6.53
C LEU A 188 10.76 -16.04 -5.43
N LYS A 189 11.39 -14.94 -5.83
CA LYS A 189 12.04 -14.07 -4.85
C LYS A 189 11.13 -12.90 -4.47
N LEU A 190 11.00 -12.66 -3.17
CA LEU A 190 10.17 -11.58 -2.67
C LEU A 190 10.96 -10.68 -1.73
N SER A 191 10.75 -9.37 -1.83
CA SER A 191 11.37 -8.42 -0.93
C SER A 191 10.75 -8.59 0.47
N PRO A 192 11.46 -8.13 1.51
CA PRO A 192 10.89 -8.17 2.87
C PRO A 192 9.59 -7.37 2.96
N SER A 193 9.48 -6.33 2.15
CA SER A 193 8.28 -5.50 2.11
C SER A 193 7.11 -6.28 1.55
N GLU A 194 7.34 -7.02 0.47
CA GLU A 194 6.30 -7.86 -0.12
C GLU A 194 5.84 -8.94 0.84
N LEU A 195 6.80 -9.58 1.51
CA LEU A 195 6.50 -10.62 2.49
C LEU A 195 5.63 -10.08 3.62
N GLN A 196 5.90 -8.85 4.02
CA GLN A 196 5.19 -8.21 5.12
C GLN A 196 3.75 -7.89 4.72
N ARG A 197 3.52 -7.72 3.42
CA ARG A 197 2.22 -7.33 2.90
C ARG A 197 1.20 -8.46 2.96
N VAL A 198 1.67 -9.70 2.92
CA VAL A 198 0.77 -10.85 2.83
C VAL A 198 0.72 -11.67 4.11
N ARG A 199 1.03 -11.04 5.24
CA ARG A 199 1.03 -11.72 6.53
C ARG A 199 -0.34 -12.30 6.89
N GLU A 200 -1.37 -11.49 6.70
CA GLU A 200 -2.74 -11.90 7.00
C GLU A 200 -3.16 -13.06 6.11
N ILE A 201 -2.73 -13.01 4.85
CA ILE A 201 -3.02 -14.07 3.90
C ILE A 201 -2.32 -15.37 4.29
N ASP A 202 -1.10 -15.24 4.81
CA ASP A 202 -0.36 -16.40 5.31
C ASP A 202 -1.05 -17.03 6.50
N ALA A 203 -1.50 -16.18 7.42
CA ALA A 203 -2.15 -16.63 8.65
C ALA A 203 -3.45 -17.37 8.35
N ASN A 204 -4.21 -16.83 7.40
CA ASN A 204 -5.47 -17.45 7.00
C ASN A 204 -5.26 -18.78 6.29
N CYS A 205 -4.25 -18.82 5.43
CA CYS A 205 -3.90 -20.04 4.71
C CYS A 205 -3.45 -21.14 5.66
N SER A 206 -2.75 -20.75 6.73
CA SER A 206 -2.25 -21.70 7.70
C SER A 206 -3.37 -22.48 8.38
N LYS A 207 -4.46 -21.78 8.70
CA LYS A 207 -5.60 -22.40 9.35
C LYS A 207 -6.26 -23.43 8.43
N HIS A 208 -6.32 -23.11 7.14
CA HIS A 208 -6.89 -24.00 6.16
C HIS A 208 -6.08 -25.29 6.04
N LEU A 209 -4.77 -25.15 5.91
CA LEU A 209 -3.87 -26.31 5.82
C LEU A 209 -3.99 -27.19 7.06
N SER A 210 -3.98 -26.55 8.22
CA SER A 210 -3.99 -27.25 9.49
C SER A 210 -5.26 -28.06 9.69
N VAL A 211 -6.40 -27.39 9.54
CA VAL A 211 -7.69 -28.01 9.80
C VAL A 211 -8.04 -29.10 8.77
N VAL A 212 -7.74 -28.85 7.50
CA VAL A 212 -7.96 -29.84 6.45
C VAL A 212 -7.17 -31.11 6.75
N ASN A 213 -5.94 -30.94 7.22
CA ASN A 213 -5.14 -32.07 7.65
C ASN A 213 -5.74 -32.74 8.87
N ASP A 214 -6.17 -31.94 9.85
CA ASP A 214 -6.82 -32.46 11.05
C ASP A 214 -8.03 -33.31 10.72
N ILE A 215 -8.84 -32.84 9.78
CA ILE A 215 -10.07 -33.52 9.39
C ILE A 215 -9.83 -34.93 8.87
N TYR A 216 -8.84 -35.07 7.99
CA TYR A 216 -8.60 -36.35 7.33
C TYR A 216 -7.67 -37.29 8.10
N SER A 217 -6.81 -36.73 8.95
CA SER A 217 -5.82 -37.53 9.65
C SER A 217 -6.25 -37.88 11.06
N TYR A 218 -7.50 -37.57 11.39
CA TYR A 218 -7.99 -37.80 12.76
C TYR A 218 -7.97 -39.27 13.16
N GLU A 219 -8.49 -40.13 12.29
CA GLU A 219 -8.57 -41.56 12.60
C GLU A 219 -7.19 -42.15 12.84
N LYS A 220 -6.23 -41.73 12.02
CA LYS A 220 -4.84 -42.17 12.18
C LYS A 220 -4.29 -41.71 13.52
N GLU A 221 -4.53 -40.44 13.85
CA GLU A 221 -3.98 -39.85 15.07
C GLU A 221 -4.67 -40.33 16.34
N LEU A 222 -5.92 -40.74 16.21
CA LEU A 222 -6.66 -41.31 17.33
C LEU A 222 -6.07 -42.67 17.70
N TYR A 223 -5.73 -43.45 16.68
CA TYR A 223 -5.11 -44.75 16.89
C TYR A 223 -3.71 -44.59 17.48
N THR A 224 -2.99 -43.58 17.00
CA THR A 224 -1.66 -43.27 17.49
C THR A 224 -1.69 -42.92 18.98
N SER A 225 -2.70 -42.17 19.39
CA SER A 225 -2.83 -41.75 20.79
C SER A 225 -3.07 -42.93 21.71
N LYS A 226 -3.60 -44.01 21.15
CA LYS A 226 -3.95 -45.19 21.95
C LYS A 226 -2.84 -46.23 21.99
N THR A 227 -1.89 -46.13 21.07
CA THR A 227 -0.88 -47.18 20.92
C THR A 227 0.57 -46.71 21.02
N ALA A 228 0.81 -45.44 20.67
CA ALA A 228 2.17 -44.91 20.69
C ALA A 228 2.57 -44.38 22.05
N HIS A 229 3.59 -43.52 22.07
CA HIS A 229 4.10 -42.95 23.31
C HIS A 229 3.07 -42.02 23.96
N SER A 230 3.09 -41.93 25.29
CA SER A 230 2.16 -41.09 26.02
C SER A 230 2.27 -39.62 25.64
N GLU A 231 3.49 -39.18 25.38
CA GLU A 231 3.74 -37.79 25.00
C GLU A 231 3.79 -37.58 23.50
N GLY A 232 4.61 -38.35 22.81
CA GLY A 232 4.80 -38.21 21.38
C GLY A 232 3.57 -38.53 20.57
N GLY A 233 2.72 -39.40 21.11
CA GLY A 233 1.54 -39.84 20.39
C GLY A 233 0.30 -39.04 20.80
N ILE A 234 0.51 -37.98 21.56
CA ILE A 234 -0.60 -37.21 22.11
C ILE A 234 -1.53 -36.63 21.03
N LEU A 235 -2.83 -36.70 21.29
CA LEU A 235 -3.82 -36.22 20.33
C LEU A 235 -3.89 -34.70 20.36
N CYS A 236 -3.41 -34.08 19.28
CA CYS A 236 -3.39 -32.63 19.19
C CYS A 236 -3.99 -32.18 17.86
N THR A 237 -5.29 -31.90 17.87
CA THR A 237 -5.99 -31.59 16.64
C THR A 237 -7.26 -30.78 16.91
N SER A 238 -7.66 -29.97 15.92
CA SER A 238 -8.83 -29.14 16.04
C SER A 238 -10.12 -29.96 16.09
N VAL A 239 -10.07 -31.16 15.52
CA VAL A 239 -11.23 -32.06 15.53
C VAL A 239 -11.61 -32.41 16.95
N GLN A 240 -10.62 -32.83 17.74
CA GLN A 240 -10.86 -33.19 19.14
C GLN A 240 -11.26 -31.97 19.95
N ILE A 241 -10.63 -30.84 19.64
CA ILE A 241 -10.90 -29.60 20.36
C ILE A 241 -12.34 -29.11 20.16
N LEU A 242 -12.78 -29.04 18.90
CA LEU A 242 -14.14 -28.60 18.62
C LEU A 242 -15.17 -29.59 19.17
N ALA A 243 -14.84 -30.88 19.11
CA ALA A 243 -15.72 -31.91 19.65
C ALA A 243 -15.91 -31.73 21.15
N GLN A 244 -14.83 -31.40 21.86
CA GLN A 244 -14.89 -31.11 23.29
C GLN A 244 -15.68 -29.84 23.57
N GLU A 245 -15.29 -28.76 22.89
CA GLU A 245 -15.88 -27.43 23.12
C GLU A 245 -17.37 -27.39 22.83
N ALA A 246 -17.79 -28.07 21.77
CA ALA A 246 -19.17 -28.00 21.31
C ALA A 246 -19.99 -29.22 21.70
N ASP A 247 -19.34 -30.19 22.34
CA ASP A 247 -20.02 -31.42 22.77
C ASP A 247 -20.67 -32.17 21.63
N VAL A 248 -19.88 -32.54 20.63
CA VAL A 248 -20.37 -33.35 19.52
C VAL A 248 -19.35 -34.44 19.20
N THR A 249 -19.74 -35.37 18.34
CA THR A 249 -18.83 -36.43 17.89
C THR A 249 -17.70 -35.82 17.07
N ALA A 250 -16.64 -36.61 16.90
CA ALA A 250 -15.50 -36.19 16.09
C ALA A 250 -15.93 -36.01 14.64
N GLU A 251 -16.84 -36.86 14.19
CA GLU A 251 -17.39 -36.76 12.85
C GLU A 251 -18.18 -35.47 12.65
N ALA A 252 -18.96 -35.10 13.65
CA ALA A 252 -19.75 -33.86 13.59
C ALA A 252 -18.82 -32.66 13.54
N ALA A 253 -17.73 -32.74 14.31
CA ALA A 253 -16.74 -31.68 14.34
C ALA A 253 -16.06 -31.52 12.98
N LYS A 254 -15.79 -32.64 12.32
CA LYS A 254 -15.22 -32.63 10.98
C LYS A 254 -16.09 -31.85 9.99
N ARG A 255 -17.39 -32.16 9.98
CA ARG A 255 -18.31 -31.52 9.06
C ARG A 255 -18.42 -30.01 9.30
N VAL A 256 -18.41 -29.62 10.57
CA VAL A 256 -18.46 -28.20 10.93
C VAL A 256 -17.16 -27.51 10.53
N LEU A 257 -16.03 -28.15 10.82
CA LEU A 257 -14.72 -27.60 10.51
C LEU A 257 -14.50 -27.44 9.01
N PHE A 258 -15.07 -28.35 8.23
CA PHE A 258 -14.93 -28.29 6.77
C PHE A 258 -15.63 -27.06 6.20
N VAL A 259 -16.74 -26.68 6.81
CA VAL A 259 -17.47 -25.49 6.40
C VAL A 259 -16.64 -24.25 6.74
N MET A 260 -15.96 -24.30 7.87
CA MET A 260 -15.07 -23.22 8.29
C MET A 260 -13.89 -23.08 7.32
N CYS A 261 -13.40 -24.21 6.80
CA CYS A 261 -12.33 -24.19 5.82
C CYS A 261 -12.76 -23.46 4.56
N ARG A 262 -14.00 -23.67 4.15
CA ARG A 262 -14.53 -23.02 2.97
C ARG A 262 -14.68 -21.52 3.19
N GLU A 263 -14.90 -21.13 4.44
CA GLU A 263 -14.96 -19.72 4.80
C GLU A 263 -13.58 -19.08 4.73
N TRP A 264 -12.55 -19.85 5.08
CA TRP A 264 -11.18 -19.38 4.97
C TRP A 264 -10.77 -19.23 3.51
N GLU A 265 -11.35 -20.05 2.64
CA GLU A 265 -11.11 -19.94 1.21
C GLU A 265 -11.72 -18.64 0.70
N LEU A 266 -12.92 -18.33 1.19
CA LEU A 266 -13.60 -17.10 0.83
C LEU A 266 -12.80 -15.90 1.31
N ARG A 267 -12.26 -16.01 2.51
CA ARG A 267 -11.45 -14.94 3.09
C ARG A 267 -10.16 -14.72 2.30
N HIS A 268 -9.55 -15.82 1.87
CA HIS A 268 -8.34 -15.76 1.06
C HIS A 268 -8.59 -14.93 -0.20
N GLN A 269 -9.70 -15.21 -0.88
CA GLN A 269 -10.07 -14.49 -2.09
C GLN A 269 -10.31 -13.01 -1.84
N LEU A 270 -10.97 -12.70 -0.72
CA LEU A 270 -11.25 -11.32 -0.36
C LEU A 270 -9.97 -10.56 -0.03
N LEU A 271 -9.06 -11.22 0.67
CA LEU A 271 -7.79 -10.60 1.05
C LEU A 271 -6.93 -10.35 -0.18
N VAL A 272 -6.95 -11.28 -1.13
CA VAL A 272 -6.21 -11.13 -2.37
C VAL A 272 -6.78 -9.98 -3.21
N ALA A 273 -8.10 -9.95 -3.35
CA ALA A 273 -8.78 -8.89 -4.09
C ALA A 273 -8.52 -7.53 -3.45
N ARG A 274 -8.46 -7.50 -2.13
CA ARG A 274 -8.19 -6.26 -1.40
C ARG A 274 -6.75 -5.82 -1.64
N LEU A 275 -5.84 -6.79 -1.77
CA LEU A 275 -4.44 -6.51 -2.00
C LEU A 275 -4.25 -5.76 -3.33
N SER A 276 -5.01 -6.19 -4.34
CA SER A 276 -4.98 -5.53 -5.64
C SER A 276 -5.67 -4.17 -5.59
N ALA A 277 -6.78 -4.11 -4.86
CA ALA A 277 -7.56 -2.89 -4.74
C ALA A 277 -6.78 -1.79 -4.03
N GLU A 278 -5.94 -2.18 -3.07
CA GLU A 278 -5.11 -1.22 -2.35
C GLU A 278 -3.86 -0.88 -3.15
N GLY A 279 -3.76 -1.43 -4.36
CA GLY A 279 -2.62 -1.20 -5.22
C GLY A 279 -1.32 -1.75 -4.66
N LEU A 280 -1.42 -2.82 -3.87
CA LEU A 280 -0.26 -3.37 -3.20
C LEU A 280 0.24 -4.67 -3.83
N GLU A 281 -0.43 -5.11 -4.88
CA GLU A 281 -0.08 -6.37 -5.51
C GLU A 281 1.04 -6.20 -6.55
N THR A 282 2.09 -6.99 -6.38
CA THR A 282 3.20 -7.01 -7.32
C THR A 282 3.10 -8.31 -8.12
N PRO A 283 3.80 -8.39 -9.26
CA PRO A 283 3.79 -9.64 -10.04
C PRO A 283 4.24 -10.85 -9.22
N GLY A 284 5.24 -10.67 -8.38
CA GLY A 284 5.72 -11.73 -7.52
C GLY A 284 4.70 -12.10 -6.45
N LEU A 285 3.99 -11.10 -5.95
CA LEU A 285 2.96 -11.32 -4.93
C LEU A 285 1.76 -12.04 -5.52
N ALA A 286 1.44 -11.73 -6.77
CA ALA A 286 0.35 -12.39 -7.47
C ALA A 286 0.64 -13.89 -7.61
N ALA A 287 1.88 -14.21 -7.92
CA ALA A 287 2.30 -15.60 -8.08
C ALA A 287 2.36 -16.30 -6.72
N TYR A 288 2.69 -15.53 -5.69
CA TYR A 288 2.81 -16.06 -4.33
C TYR A 288 1.45 -16.48 -3.78
N VAL A 289 0.49 -15.57 -3.77
CA VAL A 289 -0.83 -15.85 -3.20
C VAL A 289 -1.56 -16.91 -4.02
N GLU A 290 -1.26 -16.99 -5.31
CA GLU A 290 -1.80 -18.05 -6.15
C GLU A 290 -1.19 -19.38 -5.75
N GLY A 291 0.09 -19.35 -5.40
CA GLY A 291 0.79 -20.52 -4.94
C GLY A 291 0.24 -21.03 -3.62
N LEU A 292 -0.16 -20.11 -2.76
CA LEU A 292 -0.77 -20.46 -1.48
C LEU A 292 -2.10 -21.19 -1.70
N GLU A 293 -2.83 -20.77 -2.73
CA GLU A 293 -4.09 -21.42 -3.07
C GLU A 293 -3.86 -22.87 -3.48
N TYR A 294 -2.79 -23.10 -4.25
CA TYR A 294 -2.44 -24.44 -4.69
C TYR A 294 -2.11 -25.33 -3.51
N GLN A 295 -1.48 -24.75 -2.49
CA GLN A 295 -1.18 -25.50 -1.27
C GLN A 295 -2.46 -25.95 -0.58
N MET A 296 -3.42 -25.03 -0.45
CA MET A 296 -4.67 -25.35 0.21
C MET A 296 -5.49 -26.40 -0.51
N SER A 297 -5.61 -26.25 -1.83
CA SER A 297 -6.37 -27.20 -2.64
C SER A 297 -5.61 -28.51 -2.86
N GLY A 298 -4.29 -28.40 -3.01
CA GLY A 298 -3.45 -29.57 -3.18
C GLY A 298 -3.42 -30.42 -1.92
N ASN A 299 -3.40 -29.76 -0.77
CA ASN A 299 -3.44 -30.44 0.52
C ASN A 299 -4.74 -31.21 0.70
N GLU A 300 -5.84 -30.63 0.25
CA GLU A 300 -7.14 -31.27 0.37
C GLU A 300 -7.26 -32.50 -0.53
N LEU A 301 -6.87 -32.35 -1.80
CA LEU A 301 -6.97 -33.43 -2.77
C LEU A 301 -6.18 -34.65 -2.31
N TRP A 302 -4.95 -34.42 -1.87
CA TRP A 302 -4.10 -35.50 -1.39
C TRP A 302 -4.66 -36.15 -0.13
N SER A 303 -5.06 -35.32 0.83
CA SER A 303 -5.55 -35.82 2.11
C SER A 303 -6.76 -36.74 1.97
N GLN A 304 -7.64 -36.42 1.02
CA GLN A 304 -8.87 -37.19 0.83
C GLN A 304 -8.66 -38.42 -0.04
N THR A 305 -7.44 -38.62 -0.52
CA THR A 305 -7.16 -39.75 -1.41
C THR A 305 -5.99 -40.64 -0.96
N THR A 306 -5.14 -40.13 -0.08
CA THR A 306 -3.96 -40.89 0.34
C THR A 306 -4.28 -42.03 1.30
N LEU A 307 -3.60 -43.16 1.12
CA LEU A 307 -3.78 -44.31 2.00
C LEU A 307 -3.26 -44.04 3.41
N ARG A 308 -2.48 -42.98 3.56
CA ARG A 308 -1.92 -42.61 4.85
C ARG A 308 -3.04 -42.30 5.86
N TYR A 309 -4.16 -41.80 5.35
CA TYR A 309 -5.27 -41.40 6.22
C TYR A 309 -6.45 -42.37 6.16
N SER A 310 -6.54 -43.15 5.09
CA SER A 310 -7.66 -44.06 4.92
C SER A 310 -7.41 -45.45 5.51
N VAL A 311 -6.14 -45.85 5.58
CA VAL A 311 -5.76 -47.10 6.23
C VAL A 311 -4.61 -46.89 7.20
N LEU B 8 -29.29 -15.04 4.64
CA LEU B 8 -28.83 -16.15 5.46
C LEU B 8 -29.74 -17.36 5.32
N GLU B 9 -29.34 -18.32 4.49
CA GLU B 9 -30.13 -19.52 4.28
C GLU B 9 -29.80 -20.61 5.30
N PRO B 10 -30.79 -20.98 6.13
CA PRO B 10 -30.61 -22.04 7.12
C PRO B 10 -30.42 -23.39 6.45
N PRO B 11 -29.51 -24.23 7.00
CA PRO B 11 -29.35 -25.60 6.54
C PRO B 11 -30.63 -26.40 6.81
N PRO B 12 -30.82 -27.50 6.07
CA PRO B 12 -32.00 -28.36 6.22
C PRO B 12 -32.17 -28.86 7.66
N SER B 13 -33.42 -28.93 8.10
CA SER B 13 -33.74 -29.42 9.44
C SER B 13 -34.98 -30.31 9.39
N THR B 14 -35.00 -31.33 10.24
CA THR B 14 -36.15 -32.22 10.34
C THR B 14 -37.11 -31.79 11.44
N PHE B 15 -36.69 -30.81 12.24
CA PHE B 15 -37.54 -30.29 13.30
C PHE B 15 -38.66 -29.44 12.72
N GLN B 16 -39.90 -29.80 13.03
CA GLN B 16 -41.05 -29.04 12.57
C GLN B 16 -41.64 -28.22 13.72
N PRO B 17 -41.74 -26.90 13.53
CA PRO B 17 -42.27 -26.03 14.59
C PRO B 17 -43.77 -26.17 14.78
N LEU B 18 -44.23 -25.92 16.00
CA LEU B 18 -45.65 -25.98 16.32
C LEU B 18 -46.00 -24.78 17.19
N CYS B 19 -47.14 -24.15 16.92
CA CYS B 19 -47.57 -22.99 17.69
C CYS B 19 -48.85 -23.28 18.46
N HIS B 20 -48.94 -22.74 19.67
CA HIS B 20 -50.11 -22.93 20.51
C HIS B 20 -51.34 -22.33 19.85
N PRO B 21 -52.45 -23.08 19.82
CA PRO B 21 -53.70 -22.70 19.15
C PRO B 21 -54.26 -21.35 19.61
N LEU B 22 -54.04 -21.00 20.87
CA LEU B 22 -54.59 -19.76 21.43
C LEU B 22 -53.61 -18.58 21.37
N VAL B 23 -52.64 -18.66 20.48
CA VAL B 23 -51.57 -17.66 20.41
C VAL B 23 -52.08 -16.21 20.27
N GLU B 24 -53.08 -16.01 19.42
CA GLU B 24 -53.58 -14.66 19.15
C GLU B 24 -54.32 -14.03 20.32
N GLU B 25 -55.26 -14.76 20.91
CA GLU B 25 -56.06 -14.22 21.99
C GLU B 25 -55.23 -14.03 23.26
N VAL B 26 -54.26 -14.91 23.47
CA VAL B 26 -53.37 -14.79 24.62
C VAL B 26 -52.41 -13.62 24.42
N SER B 27 -51.98 -13.41 23.17
CA SER B 27 -51.12 -12.28 22.83
C SER B 27 -51.78 -10.95 23.18
N LYS B 28 -53.05 -10.80 22.80
CA LYS B 28 -53.79 -9.58 23.12
C LYS B 28 -53.96 -9.41 24.62
N GLU B 29 -54.22 -10.51 25.33
CA GLU B 29 -54.37 -10.47 26.78
C GLU B 29 -53.07 -10.03 27.47
N VAL B 30 -51.96 -10.64 27.09
CA VAL B 30 -50.68 -10.37 27.74
C VAL B 30 -50.06 -9.04 27.30
N ASP B 31 -50.06 -8.76 26.00
CA ASP B 31 -49.62 -7.47 25.50
C ASP B 31 -50.44 -6.34 26.13
N GLY B 32 -51.75 -6.56 26.22
CA GLY B 32 -52.65 -5.59 26.81
C GLY B 32 -52.34 -5.28 28.26
N TYR B 33 -51.99 -6.32 29.01
CA TYR B 33 -51.62 -6.16 30.41
C TYR B 33 -50.39 -5.28 30.56
N PHE B 34 -49.35 -5.61 29.82
CA PHE B 34 -48.09 -4.87 29.90
C PHE B 34 -48.21 -3.45 29.35
N LEU B 35 -48.99 -3.28 28.29
CA LEU B 35 -49.26 -1.95 27.76
C LEU B 35 -49.95 -1.08 28.81
N GLN B 36 -50.75 -1.73 29.65
CA GLN B 36 -51.49 -1.04 30.70
C GLN B 36 -50.61 -0.69 31.90
N HIS B 37 -49.72 -1.61 32.28
CA HIS B 37 -48.98 -1.47 33.53
C HIS B 37 -47.50 -1.07 33.37
N TRP B 38 -46.82 -1.65 32.39
CA TRP B 38 -45.38 -1.41 32.21
C TRP B 38 -45.08 0.04 31.85
N ASN B 39 -43.98 0.57 32.37
CA ASN B 39 -43.59 1.94 32.08
C ASN B 39 -42.82 2.07 30.78
N PHE B 40 -43.54 2.07 29.66
CA PHE B 40 -42.91 2.32 28.37
C PHE B 40 -42.64 3.82 28.23
N PRO B 41 -41.46 4.18 27.71
CA PRO B 41 -41.07 5.58 27.60
C PRO B 41 -41.92 6.40 26.65
N ASN B 42 -42.33 5.78 25.53
CA ASN B 42 -43.10 6.49 24.52
C ASN B 42 -43.90 5.55 23.62
N GLU B 43 -44.59 6.13 22.63
CA GLU B 43 -45.47 5.38 21.75
C GLU B 43 -44.66 4.49 20.80
N LYS B 44 -43.51 4.99 20.37
CA LYS B 44 -42.62 4.22 19.51
C LYS B 44 -42.16 2.93 20.19
N ALA B 45 -41.93 3.00 21.50
CA ALA B 45 -41.48 1.84 22.25
C ALA B 45 -42.62 0.85 22.45
N ARG B 46 -43.84 1.37 22.61
CA ARG B 46 -45.01 0.52 22.77
C ARG B 46 -45.30 -0.27 21.49
N LYS B 47 -45.14 0.38 20.35
CA LYS B 47 -45.36 -0.28 19.07
C LYS B 47 -44.28 -1.32 18.79
N LYS B 48 -43.05 -1.03 19.18
CA LYS B 48 -41.95 -1.96 19.01
C LYS B 48 -42.14 -3.19 19.90
N PHE B 49 -42.70 -2.97 21.08
CA PHE B 49 -42.99 -4.04 22.03
C PHE B 49 -44.00 -5.03 21.44
N VAL B 50 -45.08 -4.49 20.87
CA VAL B 50 -46.11 -5.32 20.26
C VAL B 50 -45.58 -6.01 19.01
N ALA B 51 -44.73 -5.30 18.27
CA ALA B 51 -44.17 -5.84 17.02
C ALA B 51 -43.25 -7.02 17.26
N ALA B 52 -42.69 -7.11 18.46
CA ALA B 52 -41.75 -8.19 18.79
C ALA B 52 -42.41 -9.56 18.83
N GLY B 53 -43.66 -9.60 19.30
CA GLY B 53 -44.40 -10.84 19.40
C GLY B 53 -43.86 -11.75 20.50
N PHE B 54 -43.83 -11.23 21.72
CA PHE B 54 -43.29 -11.99 22.86
C PHE B 54 -44.18 -13.16 23.26
N SER B 55 -45.50 -13.02 23.09
CA SER B 55 -46.41 -14.11 23.39
C SER B 55 -46.38 -15.14 22.28
N ARG B 56 -46.04 -14.71 21.07
CA ARG B 56 -45.94 -15.61 19.93
C ARG B 56 -44.77 -16.58 20.08
N VAL B 57 -43.61 -16.07 20.48
CA VAL B 57 -42.45 -16.94 20.70
C VAL B 57 -42.68 -17.87 21.89
N THR B 58 -43.41 -17.39 22.89
CA THR B 58 -43.77 -18.22 24.04
C THR B 58 -44.67 -19.37 23.60
N CYS B 59 -45.63 -19.06 22.74
CA CYS B 59 -46.56 -20.07 22.22
C CYS B 59 -45.88 -21.01 21.22
N LEU B 60 -44.76 -20.58 20.66
CA LEU B 60 -43.96 -21.43 19.80
C LEU B 60 -43.05 -22.32 20.64
N TYR B 61 -42.64 -21.79 21.79
CA TYR B 61 -41.81 -22.54 22.73
C TYR B 61 -42.60 -23.65 23.41
N PHE B 62 -43.85 -23.35 23.77
CA PHE B 62 -44.69 -24.30 24.50
C PHE B 62 -46.04 -24.48 23.81
N PRO B 63 -46.04 -25.10 22.62
CA PRO B 63 -47.27 -25.23 21.83
C PRO B 63 -48.28 -26.20 22.46
N LYS B 64 -47.82 -27.07 23.35
CA LYS B 64 -48.72 -28.02 24.00
C LYS B 64 -48.98 -27.66 25.47
N ALA B 65 -48.80 -26.39 25.81
CA ALA B 65 -49.14 -25.91 27.14
C ALA B 65 -50.64 -25.99 27.34
N LEU B 66 -51.08 -26.23 28.58
CA LEU B 66 -52.50 -26.26 28.90
C LEU B 66 -53.12 -24.90 28.60
N ASP B 67 -54.35 -24.92 28.10
CA ASP B 67 -55.05 -23.70 27.69
C ASP B 67 -55.13 -22.62 28.76
N ASP B 68 -55.25 -23.03 30.02
CA ASP B 68 -55.39 -22.08 31.12
C ASP B 68 -54.08 -21.82 31.86
N ARG B 69 -52.96 -22.16 31.22
CA ARG B 69 -51.66 -21.94 31.84
C ARG B 69 -50.69 -21.23 30.91
N ILE B 70 -51.00 -21.22 29.61
CA ILE B 70 -50.11 -20.64 28.62
C ILE B 70 -49.87 -19.14 28.85
N HIS B 71 -50.88 -18.46 29.40
CA HIS B 71 -50.77 -17.02 29.65
C HIS B 71 -49.75 -16.71 30.75
N PHE B 72 -49.61 -17.62 31.72
CA PHE B 72 -48.61 -17.47 32.77
C PHE B 72 -47.21 -17.42 32.14
N ALA B 73 -46.96 -18.34 31.21
CA ALA B 73 -45.67 -18.42 30.53
C ALA B 73 -45.41 -17.18 29.70
N CYS B 74 -46.43 -16.69 29.02
CA CYS B 74 -46.31 -15.49 28.20
C CYS B 74 -45.96 -14.26 29.04
N ARG B 75 -46.53 -14.18 30.24
CA ARG B 75 -46.25 -13.06 31.14
C ARG B 75 -44.82 -13.08 31.67
N LEU B 76 -44.38 -14.25 32.11
CA LEU B 76 -43.04 -14.41 32.66
C LEU B 76 -41.97 -14.10 31.62
N LEU B 77 -42.10 -14.68 30.44
CA LEU B 77 -41.15 -14.43 29.35
C LEU B 77 -41.17 -12.95 28.94
N THR B 78 -42.37 -12.37 28.86
CA THR B 78 -42.50 -10.98 28.46
C THR B 78 -41.76 -10.03 29.40
N VAL B 79 -42.00 -10.17 30.70
CA VAL B 79 -41.37 -9.30 31.69
C VAL B 79 -39.86 -9.51 31.75
N LEU B 80 -39.41 -10.74 31.49
CA LEU B 80 -37.98 -11.03 31.47
C LEU B 80 -37.32 -10.53 30.18
N PHE B 81 -38.10 -10.47 29.10
CA PHE B 81 -37.64 -9.88 27.86
C PHE B 81 -37.41 -8.38 28.06
N LEU B 82 -38.38 -7.74 28.71
CA LEU B 82 -38.31 -6.30 28.95
C LEU B 82 -37.15 -5.92 29.86
N ILE B 83 -36.91 -6.72 30.89
CA ILE B 83 -35.80 -6.48 31.80
C ILE B 83 -34.47 -6.69 31.09
N ASP B 84 -34.44 -7.70 30.22
CA ASP B 84 -33.25 -8.03 29.45
C ASP B 84 -32.76 -6.83 28.63
N ASP B 85 -33.70 -6.12 28.02
CA ASP B 85 -33.36 -4.90 27.28
C ASP B 85 -32.97 -3.76 28.23
N LEU B 86 -33.64 -3.69 29.36
CA LEU B 86 -33.40 -2.65 30.36
C LEU B 86 -31.96 -2.72 30.88
N LEU B 87 -31.45 -3.94 31.05
CA LEU B 87 -30.12 -4.15 31.61
C LEU B 87 -29.00 -3.64 30.69
N GLU B 88 -29.32 -3.47 29.41
CA GLU B 88 -28.33 -3.03 28.43
C GLU B 88 -27.88 -1.58 28.64
N TYR B 89 -28.69 -0.79 29.34
CA TYR B 89 -28.35 0.61 29.59
C TYR B 89 -27.74 0.81 30.98
N MET B 90 -27.59 -0.29 31.72
CA MET B 90 -27.03 -0.25 33.06
C MET B 90 -25.62 -0.82 33.10
N SER B 91 -24.91 -0.55 34.18
CA SER B 91 -23.64 -1.21 34.43
C SER B 91 -23.93 -2.58 35.02
N PHE B 92 -22.90 -3.40 35.20
CA PHE B 92 -23.06 -4.70 35.83
C PHE B 92 -23.57 -4.54 37.26
N GLU B 93 -23.06 -3.51 37.93
CA GLU B 93 -23.45 -3.24 39.32
C GLU B 93 -24.92 -2.85 39.42
N GLU B 94 -25.33 -1.91 38.57
CA GLU B 94 -26.73 -1.46 38.54
C GLU B 94 -27.66 -2.59 38.14
N GLY B 95 -27.23 -3.39 37.16
CA GLY B 95 -28.02 -4.52 36.70
C GLY B 95 -28.20 -5.57 37.79
N SER B 96 -27.14 -5.80 38.55
CA SER B 96 -27.20 -6.73 39.66
C SER B 96 -28.18 -6.24 40.73
N ALA B 97 -28.05 -4.98 41.13
CA ALA B 97 -28.92 -4.39 42.15
C ALA B 97 -30.38 -4.40 41.70
N TYR B 98 -30.59 -4.20 40.41
CA TYR B 98 -31.93 -4.21 39.83
C TYR B 98 -32.55 -5.61 39.93
N ASN B 99 -31.79 -6.62 39.54
CA ASN B 99 -32.27 -8.00 39.57
C ASN B 99 -32.45 -8.56 40.98
N GLU B 100 -31.46 -8.32 41.84
CA GLU B 100 -31.49 -8.83 43.21
C GLU B 100 -32.70 -8.31 43.98
N LYS B 101 -33.15 -7.12 43.59
CA LYS B 101 -34.30 -6.49 44.22
C LYS B 101 -35.58 -7.29 43.93
N LEU B 102 -35.63 -7.91 42.76
CA LEU B 102 -36.82 -8.63 42.32
C LEU B 102 -36.88 -10.07 42.83
N ILE B 103 -35.78 -10.56 43.36
CA ILE B 103 -35.70 -11.96 43.77
C ILE B 103 -36.53 -12.32 45.03
N PRO B 104 -36.39 -11.55 46.12
CA PRO B 104 -37.28 -11.85 47.25
C PRO B 104 -38.74 -11.56 46.93
N ILE B 105 -38.97 -10.60 46.05
CA ILE B 105 -40.31 -10.25 45.62
C ILE B 105 -40.94 -11.40 44.82
N SER B 106 -40.12 -12.05 44.00
CA SER B 106 -40.57 -13.22 43.24
C SER B 106 -40.95 -14.37 44.18
N ARG B 107 -40.16 -14.55 45.22
CA ARG B 107 -40.43 -15.58 46.22
C ARG B 107 -41.71 -15.26 47.00
N GLY B 108 -42.04 -13.97 47.08
CA GLY B 108 -43.19 -13.53 47.84
C GLY B 108 -42.80 -13.18 49.27
N ASP B 109 -41.50 -13.12 49.53
CA ASP B 109 -41.01 -12.82 50.87
C ASP B 109 -40.99 -11.32 51.15
N VAL B 110 -40.97 -10.52 50.09
CA VAL B 110 -40.99 -9.07 50.22
C VAL B 110 -42.08 -8.45 49.34
N LEU B 111 -42.90 -7.59 49.93
CA LEU B 111 -43.98 -6.93 49.21
C LEU B 111 -43.42 -5.91 48.21
N PRO B 112 -44.13 -5.72 47.09
CA PRO B 112 -43.70 -4.80 46.03
C PRO B 112 -44.07 -3.35 46.33
N ASP B 113 -43.27 -2.43 45.81
CA ASP B 113 -43.63 -1.03 45.80
C ASP B 113 -44.64 -0.84 44.68
N ARG B 114 -45.88 -0.57 45.05
CA ARG B 114 -46.98 -0.48 44.09
C ARG B 114 -46.84 0.70 43.12
N SER B 115 -45.89 1.59 43.39
CA SER B 115 -45.63 2.72 42.49
C SER B 115 -44.60 2.35 41.44
N ILE B 116 -44.01 1.16 41.60
CA ILE B 116 -43.00 0.70 40.66
C ILE B 116 -43.51 -0.53 39.91
N PRO B 117 -43.87 -0.34 38.63
CA PRO B 117 -44.48 -1.38 37.77
C PRO B 117 -43.78 -2.73 37.83
N VAL B 118 -42.47 -2.77 37.59
CA VAL B 118 -41.75 -4.04 37.54
C VAL B 118 -41.88 -4.84 38.84
N GLU B 119 -42.00 -4.14 39.97
CA GLU B 119 -42.08 -4.81 41.26
C GLU B 119 -43.42 -5.50 41.49
N TYR B 120 -44.52 -4.80 41.22
CA TYR B 120 -45.83 -5.41 41.45
C TYR B 120 -46.24 -6.37 40.33
N ILE B 121 -45.71 -6.16 39.13
CA ILE B 121 -45.95 -7.08 38.03
C ILE B 121 -45.29 -8.43 38.34
N ILE B 122 -44.05 -8.39 38.80
CA ILE B 122 -43.33 -9.59 39.20
C ILE B 122 -44.04 -10.29 40.36
N TYR B 123 -44.41 -9.51 41.37
CA TYR B 123 -45.08 -10.04 42.56
C TYR B 123 -46.43 -10.69 42.22
N ASP B 124 -47.29 -9.97 41.51
CA ASP B 124 -48.60 -10.48 41.16
C ASP B 124 -48.52 -11.73 40.29
N LEU B 125 -47.52 -11.78 39.42
CA LEU B 125 -47.32 -12.90 38.52
C LEU B 125 -47.08 -14.18 39.30
N TRP B 126 -46.03 -14.17 40.11
CA TRP B 126 -45.63 -15.35 40.88
C TRP B 126 -46.71 -15.77 41.90
N GLU B 127 -47.42 -14.80 42.44
CA GLU B 127 -48.51 -15.07 43.37
C GLU B 127 -49.64 -15.83 42.68
N SER B 128 -49.98 -15.39 41.47
CA SER B 128 -51.04 -16.03 40.70
C SER B 128 -50.60 -17.40 40.21
N MET B 129 -49.32 -17.54 39.89
CA MET B 129 -48.78 -18.82 39.44
C MET B 129 -48.77 -19.83 40.57
N ARG B 130 -48.46 -19.37 41.77
CA ARG B 130 -48.48 -20.22 42.95
C ARG B 130 -49.91 -20.63 43.32
N ALA B 131 -50.86 -19.75 43.06
CA ALA B 131 -52.26 -20.04 43.36
C ALA B 131 -52.80 -21.12 42.44
N HIS B 132 -52.34 -21.13 41.19
CA HIS B 132 -52.79 -22.10 40.20
C HIS B 132 -52.13 -23.46 40.40
N ASP B 133 -50.83 -23.45 40.69
CA ASP B 133 -50.08 -24.67 40.92
C ASP B 133 -48.85 -24.36 41.76
N ARG B 134 -49.01 -24.47 43.08
CA ARG B 134 -47.97 -24.09 44.03
C ARG B 134 -46.64 -24.82 43.82
N GLU B 135 -46.69 -26.14 43.78
CA GLU B 135 -45.48 -26.95 43.66
C GLU B 135 -44.69 -26.67 42.38
N MET B 136 -45.37 -26.73 41.25
CA MET B 136 -44.70 -26.53 39.96
C MET B 136 -44.19 -25.10 39.78
N ALA B 137 -44.87 -24.14 40.41
CA ALA B 137 -44.45 -22.75 40.33
C ALA B 137 -43.17 -22.50 41.12
N ASP B 138 -43.06 -23.15 42.28
CA ASP B 138 -41.88 -23.00 43.12
C ASP B 138 -40.62 -23.51 42.43
N GLU B 139 -40.78 -24.52 41.59
CA GLU B 139 -39.64 -25.14 40.91
C GLU B 139 -39.15 -24.33 39.72
N ILE B 140 -39.75 -23.17 39.49
CA ILE B 140 -39.30 -22.25 38.46
C ILE B 140 -38.43 -21.15 39.06
N LEU B 141 -38.61 -20.90 40.37
CA LEU B 141 -37.95 -19.81 41.07
C LEU B 141 -36.42 -19.78 40.92
N GLU B 142 -35.76 -20.76 41.51
CA GLU B 142 -34.29 -20.82 41.46
C GLU B 142 -33.69 -20.83 40.04
N PRO B 143 -34.29 -21.57 39.09
CA PRO B 143 -33.79 -21.48 37.71
C PRO B 143 -33.86 -20.05 37.15
N VAL B 144 -34.88 -19.30 37.51
CA VAL B 144 -35.00 -17.92 37.07
C VAL B 144 -33.92 -17.06 37.70
N PHE B 145 -33.70 -17.26 39.01
CA PHE B 145 -32.70 -16.49 39.75
C PHE B 145 -31.29 -16.76 39.22
N LEU B 146 -31.07 -18.00 38.81
CA LEU B 146 -29.79 -18.42 38.24
C LEU B 146 -29.54 -17.68 36.93
N PHE B 147 -30.61 -17.52 36.14
CA PHE B 147 -30.56 -16.78 34.89
C PHE B 147 -30.33 -15.29 35.15
N MET B 148 -31.03 -14.75 36.13
CA MET B 148 -30.90 -13.34 36.48
C MET B 148 -29.48 -12.96 36.87
N ARG B 149 -28.85 -13.80 37.67
CA ARG B 149 -27.50 -13.52 38.15
C ARG B 149 -26.43 -13.70 37.07
N ALA B 150 -26.73 -14.53 36.08
CA ALA B 150 -25.81 -14.73 34.97
C ALA B 150 -25.83 -13.52 34.04
N GLN B 151 -26.95 -12.80 34.02
CA GLN B 151 -27.10 -11.64 33.15
C GLN B 151 -26.09 -10.54 33.44
N THR B 152 -25.72 -10.40 34.71
CA THR B 152 -24.81 -9.34 35.11
C THR B 152 -23.50 -9.87 35.65
N ASP B 153 -23.25 -11.16 35.44
CA ASP B 153 -22.01 -11.80 35.88
C ASP B 153 -20.83 -11.21 35.13
N ARG B 154 -19.76 -10.89 35.85
CA ARG B 154 -18.59 -10.24 35.25
C ARG B 154 -17.81 -11.13 34.29
N THR B 155 -18.16 -12.41 34.25
CA THR B 155 -17.55 -13.34 33.30
C THR B 155 -17.96 -12.95 31.87
N ARG B 156 -19.02 -12.15 31.78
CA ARG B 156 -19.52 -11.63 30.51
C ARG B 156 -18.48 -10.73 29.84
N ALA B 157 -17.67 -10.06 30.64
CA ALA B 157 -16.68 -9.11 30.12
C ALA B 157 -15.26 -9.69 30.10
N ARG B 158 -15.14 -10.98 30.37
CA ARG B 158 -13.84 -11.63 30.37
C ARG B 158 -13.71 -12.60 29.20
N PRO B 159 -12.46 -12.88 28.77
CA PRO B 159 -12.20 -13.78 27.64
C PRO B 159 -12.86 -15.15 27.78
N MET B 160 -13.51 -15.60 26.71
CA MET B 160 -14.16 -16.91 26.71
C MET B 160 -13.89 -17.63 25.40
N GLY B 161 -13.73 -18.95 25.50
CA GLY B 161 -13.69 -19.80 24.32
C GLY B 161 -15.11 -20.25 24.01
N LEU B 162 -15.27 -21.03 22.94
CA LEU B 162 -16.58 -21.52 22.55
C LEU B 162 -17.23 -22.38 23.64
N GLY B 163 -16.44 -23.32 24.18
CA GLY B 163 -16.94 -24.21 25.21
C GLY B 163 -17.31 -23.50 26.50
N GLY B 164 -16.46 -22.59 26.95
CA GLY B 164 -16.71 -21.84 28.17
C GLY B 164 -17.90 -20.92 28.03
N TYR B 165 -18.09 -20.41 26.82
CA TYR B 165 -19.24 -19.55 26.53
C TYR B 165 -20.54 -20.32 26.60
N LEU B 166 -20.59 -21.47 25.93
CA LEU B 166 -21.79 -22.30 25.92
C LEU B 166 -22.18 -22.74 27.33
N GLU B 167 -21.17 -22.95 28.17
CA GLU B 167 -21.38 -23.34 29.55
C GLU B 167 -21.99 -22.17 30.32
N TYR B 168 -21.53 -20.96 30.02
CA TYR B 168 -22.07 -19.76 30.66
C TYR B 168 -23.45 -19.42 30.11
N ARG B 169 -23.61 -19.54 28.79
CA ARG B 169 -24.84 -19.14 28.12
C ARG B 169 -26.04 -19.99 28.51
N GLU B 170 -25.80 -21.20 28.98
CA GLU B 170 -26.87 -22.07 29.43
C GLU B 170 -27.66 -21.39 30.55
N ARG B 171 -26.96 -20.60 31.36
CA ARG B 171 -27.60 -19.85 32.42
C ARG B 171 -28.17 -18.53 31.88
N ASP B 172 -27.41 -17.87 31.02
CA ASP B 172 -27.82 -16.59 30.45
C ASP B 172 -28.99 -16.74 29.48
N VAL B 173 -29.11 -17.91 28.86
CA VAL B 173 -30.22 -18.17 27.95
C VAL B 173 -31.42 -18.71 28.74
N GLY B 174 -31.21 -18.95 30.04
CA GLY B 174 -32.26 -19.42 30.91
C GLY B 174 -32.85 -20.75 30.51
N LYS B 175 -31.99 -21.68 30.11
CA LYS B 175 -32.41 -23.01 29.69
C LYS B 175 -33.20 -23.73 30.78
N GLU B 176 -32.74 -23.59 32.02
CA GLU B 176 -33.35 -24.29 33.13
C GLU B 176 -34.72 -23.73 33.49
N LEU B 177 -34.87 -22.42 33.41
CA LEU B 177 -36.16 -21.79 33.71
C LEU B 177 -37.16 -22.11 32.60
N LEU B 178 -36.67 -22.21 31.37
CA LEU B 178 -37.52 -22.55 30.23
C LEU B 178 -38.06 -23.96 30.35
N ALA B 179 -37.24 -24.85 30.89
CA ALA B 179 -37.65 -26.23 31.11
C ALA B 179 -38.71 -26.32 32.21
N ALA B 180 -38.45 -25.66 33.34
CA ALA B 180 -39.39 -25.65 34.45
C ALA B 180 -40.69 -24.96 34.07
N LEU B 181 -40.59 -23.92 33.25
CA LEU B 181 -41.78 -23.22 32.77
C LEU B 181 -42.59 -24.11 31.83
N MET B 182 -41.89 -24.85 30.98
CA MET B 182 -42.55 -25.77 30.06
C MET B 182 -43.33 -26.82 30.81
N ARG B 183 -42.69 -27.43 31.80
CA ARG B 183 -43.33 -28.44 32.63
C ARG B 183 -44.53 -27.86 33.38
N PHE B 184 -44.36 -26.65 33.90
CA PHE B 184 -45.43 -25.95 34.59
C PHE B 184 -46.62 -25.72 33.67
N SER B 185 -46.35 -25.19 32.49
CA SER B 185 -47.40 -24.82 31.54
C SER B 185 -48.17 -26.04 31.03
N MET B 186 -47.50 -27.18 30.98
CA MET B 186 -48.10 -28.41 30.47
C MET B 186 -48.65 -29.26 31.61
N GLY B 187 -48.38 -28.87 32.85
CA GLY B 187 -48.74 -29.66 34.01
C GLY B 187 -47.97 -30.96 34.04
N LEU B 188 -46.80 -30.96 33.42
CA LEU B 188 -45.99 -32.16 33.28
C LEU B 188 -45.04 -32.34 34.45
N LYS B 189 -45.37 -33.26 35.35
CA LYS B 189 -44.53 -33.52 36.51
C LYS B 189 -43.55 -34.67 36.27
N LEU B 190 -42.28 -34.43 36.56
CA LEU B 190 -41.26 -35.45 36.42
C LEU B 190 -40.52 -35.64 37.74
N SER B 191 -40.14 -36.87 38.02
CA SER B 191 -39.41 -37.19 39.24
C SER B 191 -37.95 -36.75 39.09
N PRO B 192 -37.26 -36.54 40.22
CA PRO B 192 -35.82 -36.23 40.21
C PRO B 192 -35.04 -37.25 39.38
N SER B 193 -35.39 -38.52 39.52
CA SER B 193 -34.75 -39.59 38.75
C SER B 193 -34.95 -39.39 37.24
N GLU B 194 -36.17 -39.09 36.85
CA GLU B 194 -36.51 -38.86 35.44
C GLU B 194 -35.74 -37.67 34.86
N LEU B 195 -35.68 -36.59 35.60
CA LEU B 195 -34.98 -35.39 35.14
C LEU B 195 -33.48 -35.63 35.01
N GLN B 196 -32.96 -36.52 35.84
CA GLN B 196 -31.53 -36.85 35.78
C GLN B 196 -31.19 -37.67 34.54
N ARG B 197 -32.19 -38.35 33.99
CA ARG B 197 -31.97 -39.20 32.82
C ARG B 197 -31.84 -38.39 31.54
N VAL B 198 -32.40 -37.18 31.52
CA VAL B 198 -32.37 -36.35 30.32
C VAL B 198 -31.49 -35.11 30.50
N ARG B 199 -30.55 -35.19 31.43
CA ARG B 199 -29.64 -34.08 31.69
C ARG B 199 -28.76 -33.78 30.48
N GLU B 200 -28.28 -34.83 29.83
CA GLU B 200 -27.45 -34.69 28.64
C GLU B 200 -28.25 -34.06 27.50
N ILE B 201 -29.52 -34.46 27.40
CA ILE B 201 -30.41 -33.92 26.38
C ILE B 201 -30.69 -32.44 26.62
N ASP B 202 -30.83 -32.07 27.90
CA ASP B 202 -31.05 -30.68 28.28
C ASP B 202 -29.84 -29.82 27.88
N ALA B 203 -28.65 -30.30 28.22
CA ALA B 203 -27.41 -29.57 27.94
C ALA B 203 -27.22 -29.35 26.43
N ASN B 204 -27.53 -30.37 25.65
CA ASN B 204 -27.45 -30.28 24.19
C ASN B 204 -28.48 -29.30 23.63
N CYS B 205 -29.67 -29.31 24.23
CA CYS B 205 -30.74 -28.41 23.80
C CYS B 205 -30.39 -26.95 24.05
N SER B 206 -29.73 -26.70 25.18
CA SER B 206 -29.32 -25.36 25.56
C SER B 206 -28.41 -24.71 24.52
N LYS B 207 -27.46 -25.47 23.99
CA LYS B 207 -26.54 -24.94 23.00
C LYS B 207 -27.27 -24.53 21.72
N HIS B 208 -28.26 -25.34 21.33
CA HIS B 208 -29.05 -25.04 20.14
C HIS B 208 -29.83 -23.73 20.32
N LEU B 209 -30.54 -23.60 21.44
CA LEU B 209 -31.30 -22.40 21.73
C LEU B 209 -30.40 -21.16 21.75
N SER B 210 -29.25 -21.30 22.37
CA SER B 210 -28.31 -20.19 22.53
C SER B 210 -27.78 -19.71 21.19
N VAL B 211 -27.22 -20.63 20.41
CA VAL B 211 -26.57 -20.27 19.15
C VAL B 211 -27.56 -19.77 18.08
N VAL B 212 -28.73 -20.41 18.00
CA VAL B 212 -29.77 -19.97 17.09
C VAL B 212 -30.17 -18.53 17.39
N ASN B 213 -30.32 -18.22 18.68
CA ASN B 213 -30.60 -16.85 19.09
C ASN B 213 -29.44 -15.92 18.74
N ASP B 214 -28.22 -16.38 19.02
CA ASP B 214 -27.02 -15.61 18.72
C ASP B 214 -26.93 -15.25 17.24
N ILE B 215 -27.19 -16.23 16.40
CA ILE B 215 -27.12 -16.05 14.96
C ILE B 215 -28.04 -14.92 14.48
N TYR B 216 -29.30 -14.96 14.91
CA TYR B 216 -30.30 -14.03 14.39
C TYR B 216 -30.31 -12.68 15.10
N SER B 217 -29.88 -12.65 16.35
CA SER B 217 -29.94 -11.42 17.13
C SER B 217 -28.62 -10.66 17.12
N TYR B 218 -27.70 -11.08 16.25
CA TYR B 218 -26.37 -10.48 16.23
C TYR B 218 -26.37 -9.01 15.82
N GLU B 219 -27.10 -8.67 14.78
CA GLU B 219 -27.15 -7.31 14.28
C GLU B 219 -27.70 -6.35 15.34
N LYS B 220 -28.72 -6.81 16.06
CA LYS B 220 -29.31 -6.04 17.15
C LYS B 220 -28.29 -5.82 18.27
N GLU B 221 -27.54 -6.86 18.58
CA GLU B 221 -26.59 -6.82 19.70
C GLU B 221 -25.29 -6.08 19.35
N LEU B 222 -24.92 -6.09 18.07
CA LEU B 222 -23.74 -5.36 17.62
C LEU B 222 -24.04 -3.87 17.78
N TYR B 223 -25.24 -3.48 17.37
CA TYR B 223 -25.68 -2.09 17.47
C TYR B 223 -25.79 -1.64 18.93
N THR B 224 -26.30 -2.52 19.78
CA THR B 224 -26.42 -2.23 21.21
C THR B 224 -25.06 -1.98 21.84
N SER B 225 -24.07 -2.79 21.46
CA SER B 225 -22.73 -2.67 22.03
C SER B 225 -22.06 -1.35 21.65
N LYS B 226 -22.48 -0.80 20.52
CA LYS B 226 -21.91 0.45 20.02
C LYS B 226 -22.62 1.67 20.59
N THR B 227 -23.84 1.48 21.09
CA THR B 227 -24.70 2.60 21.45
C THR B 227 -25.12 2.64 22.93
N ALA B 228 -25.24 1.49 23.56
CA ALA B 228 -25.70 1.41 24.94
C ALA B 228 -24.54 1.46 25.94
N HIS B 229 -24.76 0.94 27.14
CA HIS B 229 -23.73 0.91 28.17
C HIS B 229 -22.65 -0.10 27.80
N SER B 230 -21.39 0.28 28.01
CA SER B 230 -20.26 -0.55 27.61
C SER B 230 -20.21 -1.88 28.35
N GLU B 231 -20.86 -1.95 29.50
CA GLU B 231 -20.95 -3.19 30.27
C GLU B 231 -22.24 -3.94 29.99
N GLY B 232 -23.36 -3.31 30.31
CA GLY B 232 -24.67 -3.94 30.14
C GLY B 232 -24.96 -4.33 28.71
N GLY B 233 -24.42 -3.56 27.76
CA GLY B 233 -24.65 -3.81 26.36
C GLY B 233 -23.51 -4.52 25.68
N ILE B 234 -22.60 -5.09 26.48
CA ILE B 234 -21.42 -5.75 25.93
C ILE B 234 -21.79 -6.92 25.00
N LEU B 235 -20.99 -7.10 23.96
CA LEU B 235 -21.21 -8.13 22.97
C LEU B 235 -20.88 -9.51 23.54
N CYS B 236 -21.91 -10.29 23.84
CA CYS B 236 -21.72 -11.63 24.38
C CYS B 236 -22.47 -12.63 23.51
N THR B 237 -21.77 -13.26 22.58
CA THR B 237 -22.40 -14.14 21.61
C THR B 237 -21.40 -15.09 20.97
N SER B 238 -21.87 -16.28 20.61
CA SER B 238 -21.02 -17.27 19.97
C SER B 238 -20.55 -16.77 18.61
N VAL B 239 -21.32 -15.87 18.00
CA VAL B 239 -20.97 -15.34 16.69
C VAL B 239 -19.67 -14.54 16.75
N GLN B 240 -19.55 -13.72 17.77
CA GLN B 240 -18.35 -12.91 17.97
C GLN B 240 -17.17 -13.78 18.38
N ILE B 241 -17.44 -14.78 19.21
CA ILE B 241 -16.38 -15.64 19.74
C ILE B 241 -15.77 -16.55 18.68
N LEU B 242 -16.61 -17.20 17.90
CA LEU B 242 -16.12 -18.05 16.81
C LEU B 242 -15.40 -17.20 15.75
N ALA B 243 -15.89 -15.99 15.52
CA ALA B 243 -15.25 -15.08 14.59
C ALA B 243 -13.85 -14.71 15.07
N GLN B 244 -13.68 -14.63 16.39
CA GLN B 244 -12.37 -14.36 16.99
C GLN B 244 -11.44 -15.55 16.84
N GLU B 245 -11.91 -16.72 17.29
CA GLU B 245 -11.09 -17.93 17.30
C GLU B 245 -10.65 -18.37 15.91
N ALA B 246 -11.54 -18.22 14.94
CA ALA B 246 -11.27 -18.68 13.58
C ALA B 246 -10.82 -17.56 12.65
N ASP B 247 -10.86 -16.33 13.16
CA ASP B 247 -10.44 -15.15 12.38
C ASP B 247 -11.25 -15.01 11.09
N VAL B 248 -12.57 -15.06 11.22
CA VAL B 248 -13.46 -14.84 10.08
C VAL B 248 -14.46 -13.76 10.43
N THR B 249 -15.23 -13.31 9.43
CA THR B 249 -16.27 -12.32 9.67
C THR B 249 -17.39 -12.93 10.51
N ALA B 250 -18.24 -12.07 11.06
CA ALA B 250 -19.39 -12.51 11.83
C ALA B 250 -20.35 -13.30 10.95
N GLU B 251 -20.47 -12.86 9.69
CA GLU B 251 -21.34 -13.52 8.73
C GLU B 251 -20.85 -14.94 8.45
N ALA B 252 -19.53 -15.10 8.36
CA ALA B 252 -18.94 -16.41 8.16
C ALA B 252 -19.16 -17.29 9.38
N ALA B 253 -19.06 -16.69 10.57
CA ALA B 253 -19.26 -17.41 11.81
C ALA B 253 -20.69 -17.94 11.92
N LYS B 254 -21.65 -17.13 11.51
CA LYS B 254 -23.05 -17.53 11.50
C LYS B 254 -23.27 -18.81 10.70
N ARG B 255 -22.75 -18.84 9.48
CA ARG B 255 -22.94 -19.99 8.59
C ARG B 255 -22.35 -21.26 9.18
N VAL B 256 -21.21 -21.13 9.84
CA VAL B 256 -20.56 -22.28 10.46
C VAL B 256 -21.34 -22.72 11.69
N LEU B 257 -21.82 -21.75 12.46
CA LEU B 257 -22.60 -22.02 13.67
C LEU B 257 -23.96 -22.66 13.36
N PHE B 258 -24.54 -22.34 12.21
CA PHE B 258 -25.83 -22.90 11.83
C PHE B 258 -25.69 -24.38 11.50
N VAL B 259 -24.62 -24.73 10.80
CA VAL B 259 -24.32 -26.13 10.50
C VAL B 259 -24.12 -26.88 11.81
N MET B 260 -23.47 -26.21 12.76
CA MET B 260 -23.25 -26.74 14.10
C MET B 260 -24.57 -27.02 14.81
N CYS B 261 -25.53 -26.12 14.67
CA CYS B 261 -26.85 -26.30 15.27
C CYS B 261 -27.54 -27.56 14.75
N ARG B 262 -27.33 -27.87 13.48
CA ARG B 262 -27.92 -29.06 12.88
C ARG B 262 -27.30 -30.33 13.47
N GLU B 263 -26.04 -30.24 13.88
CA GLU B 263 -25.37 -31.36 14.51
C GLU B 263 -25.96 -31.62 15.89
N TRP B 264 -26.33 -30.54 16.57
CA TRP B 264 -26.97 -30.66 17.88
C TRP B 264 -28.38 -31.25 17.76
N GLU B 265 -29.06 -30.93 16.66
CA GLU B 265 -30.37 -31.53 16.40
C GLU B 265 -30.20 -33.02 16.17
N LEU B 266 -29.13 -33.39 15.48
CA LEU B 266 -28.85 -34.78 15.19
C LEU B 266 -28.47 -35.52 16.47
N ARG B 267 -27.75 -34.85 17.34
CA ARG B 267 -27.39 -35.40 18.64
C ARG B 267 -28.62 -35.60 19.52
N HIS B 268 -29.52 -34.62 19.50
CA HIS B 268 -30.77 -34.71 20.24
C HIS B 268 -31.54 -35.97 19.84
N GLN B 269 -31.61 -36.22 18.54
CA GLN B 269 -32.32 -37.40 18.03
C GLN B 269 -31.64 -38.70 18.46
N LEU B 270 -30.31 -38.72 18.42
CA LEU B 270 -29.56 -39.90 18.84
C LEU B 270 -29.74 -40.18 20.34
N LEU B 271 -29.70 -39.12 21.15
CA LEU B 271 -29.84 -39.27 22.59
C LEU B 271 -31.24 -39.74 22.98
N VAL B 272 -32.25 -39.21 22.32
CA VAL B 272 -33.63 -39.61 22.57
C VAL B 272 -33.85 -41.07 22.15
N ALA B 273 -33.30 -41.43 21.00
CA ALA B 273 -33.42 -42.79 20.49
C ALA B 273 -32.74 -43.80 21.42
N ARG B 274 -31.60 -43.42 21.98
CA ARG B 274 -30.90 -44.29 22.94
C ARG B 274 -31.68 -44.40 24.25
N LEU B 275 -32.24 -43.27 24.70
CA LEU B 275 -33.05 -43.24 25.90
C LEU B 275 -34.22 -44.21 25.74
N SER B 276 -34.82 -44.21 24.56
CA SER B 276 -35.94 -45.09 24.25
C SER B 276 -35.52 -46.55 24.17
N ALA B 277 -34.39 -46.81 23.51
CA ALA B 277 -33.90 -48.17 23.32
C ALA B 277 -33.53 -48.84 24.65
N GLU B 278 -33.06 -48.04 25.60
CA GLU B 278 -32.69 -48.57 26.91
C GLU B 278 -33.92 -48.77 27.80
N GLY B 279 -35.09 -48.51 27.24
CA GLY B 279 -36.34 -48.66 27.97
C GLY B 279 -36.50 -47.63 29.07
N LEU B 280 -35.82 -46.49 28.92
CA LEU B 280 -35.82 -45.46 29.95
C LEU B 280 -36.73 -44.28 29.62
N GLU B 281 -37.37 -44.32 28.45
CA GLU B 281 -38.23 -43.24 28.03
C GLU B 281 -39.66 -43.42 28.56
N THR B 282 -39.93 -42.85 29.73
CA THR B 282 -41.26 -42.88 30.32
C THR B 282 -42.21 -42.01 29.51
N PRO B 283 -43.54 -42.20 29.71
CA PRO B 283 -44.51 -41.33 29.03
C PRO B 283 -44.26 -39.85 29.29
N GLY B 284 -43.86 -39.51 30.51
CA GLY B 284 -43.54 -38.13 30.85
C GLY B 284 -42.31 -37.62 30.12
N LEU B 285 -41.29 -38.47 30.03
CA LEU B 285 -40.05 -38.11 29.36
C LEU B 285 -40.25 -37.94 27.86
N ALA B 286 -41.08 -38.78 27.27
CA ALA B 286 -41.40 -38.69 25.85
C ALA B 286 -42.05 -37.35 25.52
N ALA B 287 -42.94 -36.90 26.40
CA ALA B 287 -43.58 -35.61 26.23
C ALA B 287 -42.59 -34.47 26.47
N TYR B 288 -41.70 -34.69 27.44
CA TYR B 288 -40.69 -33.70 27.79
C TYR B 288 -39.70 -33.46 26.66
N VAL B 289 -39.10 -34.53 26.15
CA VAL B 289 -38.09 -34.41 25.09
C VAL B 289 -38.71 -33.91 23.79
N GLU B 290 -39.99 -34.20 23.59
CA GLU B 290 -40.72 -33.67 22.44
C GLU B 290 -40.91 -32.17 22.65
N GLY B 291 -41.15 -31.79 23.90
CA GLY B 291 -41.31 -30.40 24.27
C GLY B 291 -40.05 -29.61 24.01
N LEU B 292 -38.90 -30.23 24.28
CA LEU B 292 -37.61 -29.58 24.04
C LEU B 292 -37.39 -29.32 22.56
N GLU B 293 -37.86 -30.24 21.73
CA GLU B 293 -37.74 -30.09 20.28
C GLU B 293 -38.60 -28.92 19.79
N TYR B 294 -39.77 -28.76 20.39
CA TYR B 294 -40.64 -27.64 20.07
C TYR B 294 -39.97 -26.32 20.44
N GLN B 295 -39.22 -26.32 21.53
CA GLN B 295 -38.48 -25.13 21.93
C GLN B 295 -37.42 -24.77 20.90
N MET B 296 -36.74 -25.79 20.40
CA MET B 296 -35.65 -25.58 19.43
C MET B 296 -36.15 -25.09 18.07
N SER B 297 -37.15 -25.78 17.52
CA SER B 297 -37.71 -25.38 16.23
C SER B 297 -38.53 -24.11 16.35
N GLY B 298 -39.22 -23.94 17.48
CA GLY B 298 -40.01 -22.76 17.73
C GLY B 298 -39.15 -21.52 17.89
N ASN B 299 -38.00 -21.69 18.54
CA ASN B 299 -37.05 -20.59 18.72
C ASN B 299 -36.49 -20.12 17.39
N GLU B 300 -36.23 -21.06 16.49
CA GLU B 300 -35.69 -20.74 15.18
C GLU B 300 -36.71 -20.02 14.29
N LEU B 301 -37.96 -20.48 14.31
CA LEU B 301 -39.02 -19.89 13.49
C LEU B 301 -39.24 -18.43 13.87
N TRP B 302 -39.41 -18.17 15.15
CA TRP B 302 -39.64 -16.81 15.63
C TRP B 302 -38.42 -15.93 15.37
N SER B 303 -37.24 -16.45 15.63
CA SER B 303 -35.99 -15.70 15.46
C SER B 303 -35.80 -15.21 14.03
N GLN B 304 -36.18 -16.03 13.06
CA GLN B 304 -35.98 -15.71 11.65
C GLN B 304 -37.09 -14.83 11.07
N THR B 305 -38.09 -14.51 11.89
CA THR B 305 -39.24 -13.71 11.42
C THR B 305 -39.58 -12.50 12.29
N THR B 306 -39.18 -12.53 13.56
CA THR B 306 -39.52 -11.43 14.46
C THR B 306 -38.86 -10.11 14.07
N LEU B 307 -39.59 -9.01 14.25
CA LEU B 307 -39.08 -7.68 13.91
C LEU B 307 -38.05 -7.21 14.93
N ARG B 308 -37.97 -7.92 16.06
CA ARG B 308 -37.01 -7.62 17.09
C ARG B 308 -35.57 -7.76 16.58
N TYR B 309 -35.36 -8.71 15.67
CA TYR B 309 -34.03 -8.98 15.15
C TYR B 309 -33.81 -8.41 13.74
N SER B 310 -34.91 -8.17 13.03
CA SER B 310 -34.82 -7.67 11.66
C SER B 310 -34.89 -6.14 11.59
N VAL B 311 -35.39 -5.53 12.66
CA VAL B 311 -35.47 -4.07 12.75
C VAL B 311 -34.85 -3.57 14.05
N LEU C 8 12.23 4.62 -19.82
CA LEU C 8 12.80 5.88 -20.29
C LEU C 8 13.46 5.71 -21.65
N GLU C 9 13.32 6.72 -22.50
CA GLU C 9 13.86 6.64 -23.86
C GLU C 9 14.88 7.74 -24.10
N PRO C 10 16.16 7.36 -24.26
CA PRO C 10 17.23 8.33 -24.48
C PRO C 10 17.12 9.01 -25.85
N PRO C 11 17.27 10.35 -25.87
CA PRO C 11 17.36 11.09 -27.14
C PRO C 11 18.60 10.67 -27.92
N PRO C 12 18.59 10.85 -29.24
CA PRO C 12 19.72 10.46 -30.08
C PRO C 12 21.02 11.13 -29.65
N SER C 13 22.11 10.37 -29.70
CA SER C 13 23.43 10.89 -29.37
C SER C 13 24.43 10.50 -30.44
N THR C 14 25.35 11.42 -30.74
CA THR C 14 26.40 11.16 -31.72
C THR C 14 27.62 10.53 -31.06
N PHE C 15 27.60 10.46 -29.73
CA PHE C 15 28.70 9.85 -28.99
C PHE C 15 28.59 8.33 -29.02
N GLN C 16 29.65 7.67 -29.46
CA GLN C 16 29.71 6.22 -29.44
C GLN C 16 30.66 5.74 -28.34
N PRO C 17 30.18 4.82 -27.48
CA PRO C 17 30.94 4.35 -26.33
C PRO C 17 32.05 3.41 -26.76
N LEU C 18 33.10 3.32 -25.95
CA LEU C 18 34.20 2.40 -26.21
C LEU C 18 34.65 1.79 -24.90
N CYS C 19 34.86 0.47 -24.89
CA CYS C 19 35.28 -0.22 -23.69
C CYS C 19 36.73 -0.67 -23.80
N HIS C 20 37.43 -0.70 -22.67
CA HIS C 20 38.82 -1.17 -22.64
C HIS C 20 38.87 -2.67 -22.93
N PRO C 21 39.77 -3.07 -23.84
CA PRO C 21 39.91 -4.45 -24.32
C PRO C 21 40.09 -5.48 -23.20
N LEU C 22 40.75 -5.09 -22.11
CA LEU C 22 41.01 -6.03 -21.02
C LEU C 22 39.96 -5.95 -19.91
N VAL C 23 38.74 -5.57 -20.27
CA VAL C 23 37.67 -5.41 -19.29
C VAL C 23 37.38 -6.70 -18.49
N GLU C 24 37.36 -7.85 -19.16
CA GLU C 24 37.04 -9.11 -18.50
C GLU C 24 38.13 -9.56 -17.53
N GLU C 25 39.37 -9.49 -17.97
CA GLU C 25 40.51 -9.90 -17.15
C GLU C 25 40.66 -9.00 -15.92
N VAL C 26 40.61 -7.69 -16.14
CA VAL C 26 40.79 -6.73 -15.05
C VAL C 26 39.62 -6.76 -14.06
N SER C 27 38.40 -6.91 -14.56
CA SER C 27 37.24 -7.03 -13.69
C SER C 27 37.43 -8.21 -12.74
N LYS C 28 37.82 -9.35 -13.31
CA LYS C 28 38.08 -10.55 -12.52
C LYS C 28 39.16 -10.28 -11.47
N GLU C 29 40.22 -9.59 -11.90
CA GLU C 29 41.33 -9.24 -11.01
C GLU C 29 40.90 -8.34 -9.86
N VAL C 30 40.23 -7.23 -10.19
CA VAL C 30 39.88 -6.23 -9.19
C VAL C 30 38.72 -6.66 -8.30
N ASP C 31 37.71 -7.28 -8.89
CA ASP C 31 36.60 -7.85 -8.11
C ASP C 31 37.14 -8.86 -7.12
N GLY C 32 38.08 -9.68 -7.57
CA GLY C 32 38.67 -10.72 -6.74
C GLY C 32 39.43 -10.15 -5.56
N TYR C 33 40.16 -9.07 -5.79
CA TYR C 33 40.91 -8.41 -4.74
C TYR C 33 40.00 -7.92 -3.61
N PHE C 34 38.93 -7.22 -3.97
CA PHE C 34 38.02 -6.67 -2.98
C PHE C 34 37.19 -7.73 -2.26
N LEU C 35 36.81 -8.79 -2.98
CA LEU C 35 36.10 -9.90 -2.35
C LEU C 35 37.00 -10.57 -1.31
N GLN C 36 38.30 -10.48 -1.52
CA GLN C 36 39.28 -11.05 -0.60
C GLN C 36 39.48 -10.16 0.63
N HIS C 37 39.57 -8.84 0.40
CA HIS C 37 39.96 -7.92 1.47
C HIS C 37 38.83 -7.10 2.08
N TRP C 38 37.92 -6.60 1.25
CA TRP C 38 36.88 -5.70 1.73
C TRP C 38 35.91 -6.42 2.66
N ASN C 39 35.56 -5.76 3.76
CA ASN C 39 34.67 -6.35 4.75
C ASN C 39 33.20 -6.23 4.36
N PHE C 40 32.75 -7.14 3.51
CA PHE C 40 31.35 -7.17 3.10
C PHE C 40 30.47 -7.74 4.21
N PRO C 41 29.27 -7.16 4.40
CA PRO C 41 28.32 -7.59 5.43
C PRO C 41 27.90 -9.05 5.29
N ASN C 42 27.58 -9.47 4.07
CA ASN C 42 27.12 -10.83 3.83
C ASN C 42 27.30 -11.26 2.37
N GLU C 43 26.80 -12.44 2.05
CA GLU C 43 26.94 -12.99 0.70
C GLU C 43 26.11 -12.18 -0.31
N LYS C 44 25.01 -11.62 0.17
CA LYS C 44 24.12 -10.83 -0.67
C LYS C 44 24.84 -9.57 -1.15
N ALA C 45 25.55 -8.92 -0.24
CA ALA C 45 26.30 -7.72 -0.57
C ALA C 45 27.45 -8.03 -1.52
N ARG C 46 28.06 -9.19 -1.33
CA ARG C 46 29.16 -9.62 -2.20
C ARG C 46 28.68 -9.82 -3.64
N LYS C 47 27.51 -10.43 -3.81
CA LYS C 47 26.93 -10.63 -5.13
C LYS C 47 26.46 -9.33 -5.76
N LYS C 48 25.85 -8.47 -4.95
CA LYS C 48 25.41 -7.16 -5.43
C LYS C 48 26.61 -6.32 -5.88
N PHE C 49 27.72 -6.48 -5.17
CA PHE C 49 28.98 -5.83 -5.53
C PHE C 49 29.45 -6.26 -6.91
N VAL C 50 29.50 -7.57 -7.14
CA VAL C 50 29.93 -8.12 -8.42
C VAL C 50 28.95 -7.74 -9.52
N ALA C 51 27.68 -7.64 -9.15
CA ALA C 51 26.62 -7.31 -10.11
C ALA C 51 26.73 -5.89 -10.64
N ALA C 52 27.25 -4.98 -9.81
CA ALA C 52 27.37 -3.58 -10.17
C ALA C 52 28.35 -3.37 -11.34
N GLY C 53 29.38 -4.20 -11.39
CA GLY C 53 30.38 -4.09 -12.44
C GLY C 53 31.18 -2.81 -12.37
N PHE C 54 31.75 -2.55 -11.20
CA PHE C 54 32.52 -1.33 -10.97
C PHE C 54 33.73 -1.19 -11.88
N SER C 55 34.30 -2.33 -12.30
CA SER C 55 35.44 -2.30 -13.21
C SER C 55 35.00 -2.11 -14.66
N ARG C 56 33.75 -2.45 -14.95
CA ARG C 56 33.21 -2.26 -16.29
C ARG C 56 33.00 -0.77 -16.58
N VAL C 57 32.59 -0.02 -15.56
CA VAL C 57 32.45 1.43 -15.70
C VAL C 57 33.79 2.04 -16.02
N THR C 58 34.79 1.71 -15.19
CA THR C 58 36.14 2.21 -15.34
C THR C 58 36.69 1.95 -16.73
N CYS C 59 36.46 0.75 -17.24
CA CYS C 59 36.93 0.38 -18.57
C CYS C 59 36.17 1.12 -19.66
N LEU C 60 34.91 1.46 -19.37
CA LEU C 60 34.10 2.27 -20.26
C LEU C 60 34.51 3.74 -20.17
N TYR C 61 34.90 4.16 -18.97
CA TYR C 61 35.36 5.53 -18.74
C TYR C 61 36.70 5.80 -19.41
N PHE C 62 37.63 4.87 -19.25
CA PHE C 62 38.98 5.03 -19.82
C PHE C 62 39.34 3.86 -20.73
N PRO C 63 38.71 3.80 -21.91
CA PRO C 63 38.94 2.67 -22.82
C PRO C 63 40.33 2.68 -23.44
N LYS C 64 40.98 3.83 -23.46
CA LYS C 64 42.32 3.92 -24.03
C LYS C 64 43.41 4.03 -22.97
N ALA C 65 43.09 3.57 -21.76
CA ALA C 65 44.08 3.48 -20.70
C ALA C 65 45.13 2.45 -21.08
N LEU C 66 46.38 2.69 -20.66
CA LEU C 66 47.45 1.74 -20.90
C LEU C 66 47.14 0.41 -20.22
N ASP C 67 47.49 -0.70 -20.87
CA ASP C 67 47.15 -2.04 -20.41
C ASP C 67 47.63 -2.34 -18.98
N ASP C 68 48.74 -1.72 -18.59
CA ASP C 68 49.32 -1.96 -17.27
C ASP C 68 48.94 -0.90 -16.23
N ARG C 69 47.98 -0.06 -16.58
CA ARG C 69 47.57 1.03 -15.68
C ARG C 69 46.07 1.05 -15.45
N ILE C 70 45.31 0.33 -16.28
CA ILE C 70 43.86 0.31 -16.16
C ILE C 70 43.40 -0.30 -14.83
N HIS C 71 44.19 -1.21 -14.30
CA HIS C 71 43.83 -1.88 -13.05
C HIS C 71 43.89 -0.93 -11.86
N PHE C 72 44.83 0.03 -11.91
CA PHE C 72 44.93 1.04 -10.86
C PHE C 72 43.65 1.87 -10.81
N ALA C 73 43.17 2.26 -11.98
CA ALA C 73 41.95 3.05 -12.09
C ALA C 73 40.74 2.28 -11.57
N CYS C 74 40.68 0.99 -11.91
CA CYS C 74 39.59 0.13 -11.45
C CYS C 74 39.58 -0.01 -9.93
N ARG C 75 40.76 -0.08 -9.32
CA ARG C 75 40.86 -0.23 -7.88
C ARG C 75 40.43 1.03 -7.15
N LEU C 76 40.87 2.19 -7.63
CA LEU C 76 40.53 3.45 -6.99
C LEU C 76 39.04 3.75 -7.11
N LEU C 77 38.49 3.55 -8.30
CA LEU C 77 37.06 3.78 -8.51
C LEU C 77 36.22 2.82 -7.68
N THR C 78 36.67 1.57 -7.58
CA THR C 78 35.93 0.56 -6.82
C THR C 78 35.83 0.91 -5.35
N VAL C 79 36.95 1.27 -4.73
CA VAL C 79 36.96 1.59 -3.31
C VAL C 79 36.19 2.88 -3.02
N LEU C 80 36.20 3.82 -3.97
CA LEU C 80 35.47 5.06 -3.80
C LEU C 80 33.96 4.84 -3.96
N PHE C 81 33.60 3.91 -4.83
CA PHE C 81 32.21 3.48 -4.96
C PHE C 81 31.70 2.91 -3.64
N LEU C 82 32.50 2.04 -3.05
CA LEU C 82 32.13 1.38 -1.80
C LEU C 82 31.96 2.35 -0.65
N ILE C 83 32.87 3.31 -0.56
CA ILE C 83 32.79 4.34 0.49
C ILE C 83 31.57 5.22 0.25
N ASP C 84 31.33 5.54 -1.02
CA ASP C 84 30.17 6.34 -1.40
C ASP C 84 28.86 5.74 -0.89
N ASP C 85 28.77 4.42 -0.88
CA ASP C 85 27.59 3.74 -0.38
C ASP C 85 27.56 3.71 1.15
N LEU C 86 28.72 3.55 1.77
CA LEU C 86 28.80 3.53 3.24
C LEU C 86 28.38 4.86 3.84
N LEU C 87 28.69 5.94 3.15
CA LEU C 87 28.41 7.29 3.64
C LEU C 87 26.91 7.56 3.75
N GLU C 88 26.11 6.81 3.00
CA GLU C 88 24.66 7.00 3.00
C GLU C 88 24.02 6.67 4.35
N TYR C 89 24.72 5.89 5.17
CA TYR C 89 24.21 5.50 6.47
C TYR C 89 24.94 6.19 7.62
N MET C 90 25.57 7.32 7.32
CA MET C 90 26.25 8.11 8.33
C MET C 90 25.73 9.54 8.34
N SER C 91 25.99 10.25 9.43
CA SER C 91 25.73 11.68 9.47
C SER C 91 26.83 12.38 8.69
N PHE C 92 26.70 13.68 8.48
CA PHE C 92 27.72 14.45 7.77
C PHE C 92 29.01 14.51 8.57
N GLU C 93 28.88 14.58 9.90
CA GLU C 93 30.05 14.57 10.77
C GLU C 93 30.79 13.23 10.71
N GLU C 94 30.05 12.15 10.92
CA GLU C 94 30.63 10.81 10.92
C GLU C 94 31.26 10.49 9.56
N GLY C 95 30.58 10.89 8.50
CA GLY C 95 31.08 10.69 7.15
C GLY C 95 32.34 11.48 6.90
N SER C 96 32.36 12.72 7.37
CA SER C 96 33.53 13.57 7.22
C SER C 96 34.73 13.00 7.97
N ALA C 97 34.49 12.60 9.22
CA ALA C 97 35.54 12.02 10.04
C ALA C 97 36.06 10.73 9.41
N TYR C 98 35.17 10.00 8.75
CA TYR C 98 35.53 8.77 8.05
C TYR C 98 36.47 9.07 6.89
N ASN C 99 36.11 10.04 6.06
CA ASN C 99 36.93 10.42 4.90
C ASN C 99 38.24 11.11 5.26
N GLU C 100 38.21 11.98 6.27
CA GLU C 100 39.39 12.74 6.65
C GLU C 100 40.52 11.86 7.15
N LYS C 101 40.15 10.71 7.72
CA LYS C 101 41.13 9.76 8.23
C LYS C 101 41.89 9.10 7.09
N LEU C 102 41.24 9.00 5.93
CA LEU C 102 41.83 8.32 4.78
C LEU C 102 42.73 9.25 3.94
N ILE C 103 42.65 10.54 4.20
CA ILE C 103 43.39 11.52 3.40
C ILE C 103 44.92 11.50 3.64
N PRO C 104 45.38 11.56 4.91
CA PRO C 104 46.82 11.45 5.13
C PRO C 104 47.35 10.07 4.75
N ILE C 105 46.48 9.07 4.82
CA ILE C 105 46.84 7.71 4.43
C ILE C 105 47.02 7.62 2.91
N SER C 106 46.15 8.30 2.17
CA SER C 106 46.27 8.36 0.72
C SER C 106 47.55 9.06 0.29
N ARG C 107 47.96 10.08 1.06
CA ARG C 107 49.19 10.80 0.78
C ARG C 107 50.41 9.95 1.11
N GLY C 108 50.20 8.92 1.92
CA GLY C 108 51.30 8.09 2.38
C GLY C 108 51.98 8.66 3.61
N ASP C 109 51.39 9.72 4.16
CA ASP C 109 51.94 10.35 5.35
C ASP C 109 51.67 9.55 6.62
N VAL C 110 50.60 8.76 6.62
CA VAL C 110 50.22 7.97 7.78
C VAL C 110 50.04 6.49 7.44
N LEU C 111 50.69 5.63 8.21
CA LEU C 111 50.56 4.18 8.05
C LEU C 111 49.14 3.73 8.34
N PRO C 112 48.67 2.71 7.60
CA PRO C 112 47.31 2.20 7.80
C PRO C 112 47.22 1.21 8.95
N ASP C 113 46.07 1.20 9.62
CA ASP C 113 45.77 0.13 10.57
C ASP C 113 45.40 -1.09 9.72
N ARG C 114 46.28 -2.08 9.69
CA ARG C 114 46.09 -3.23 8.81
C ARG C 114 44.97 -4.17 9.23
N SER C 115 44.30 -3.85 10.34
CA SER C 115 43.12 -4.59 10.74
C SER C 115 41.89 -3.97 10.10
N ILE C 116 42.07 -2.80 9.51
CA ILE C 116 40.98 -2.11 8.83
C ILE C 116 41.21 -2.10 7.33
N PRO C 117 40.43 -2.92 6.60
CA PRO C 117 40.55 -3.09 5.15
C PRO C 117 40.64 -1.77 4.37
N VAL C 118 39.70 -0.85 4.60
CA VAL C 118 39.67 0.41 3.85
C VAL C 118 40.95 1.21 4.03
N GLU C 119 41.58 1.10 5.19
CA GLU C 119 42.81 1.83 5.46
C GLU C 119 44.01 1.28 4.71
N TYR C 120 44.19 -0.04 4.70
CA TYR C 120 45.33 -0.60 4.01
C TYR C 120 45.10 -0.75 2.50
N ILE C 121 43.84 -0.86 2.09
CA ILE C 121 43.53 -0.89 0.67
C ILE C 121 43.87 0.45 0.03
N ILE C 122 43.44 1.52 0.67
CA ILE C 122 43.75 2.88 0.23
C ILE C 122 45.26 3.12 0.22
N TYR C 123 45.93 2.73 1.30
CA TYR C 123 47.37 2.93 1.43
C TYR C 123 48.16 2.19 0.34
N ASP C 124 47.95 0.89 0.22
CA ASP C 124 48.69 0.07 -0.74
C ASP C 124 48.44 0.54 -2.16
N LEU C 125 47.22 0.99 -2.43
CA LEU C 125 46.83 1.46 -3.75
C LEU C 125 47.67 2.66 -4.16
N TRP C 126 47.59 3.72 -3.37
CA TRP C 126 48.30 4.96 -3.67
C TRP C 126 49.82 4.76 -3.68
N GLU C 127 50.28 3.85 -2.82
CA GLU C 127 51.70 3.53 -2.75
C GLU C 127 52.18 2.91 -4.07
N SER C 128 51.39 1.97 -4.57
CA SER C 128 51.73 1.30 -5.83
C SER C 128 51.58 2.24 -7.01
N MET C 129 50.58 3.12 -6.94
CA MET C 129 50.35 4.10 -8.00
C MET C 129 51.51 5.09 -8.11
N ARG C 130 52.03 5.53 -6.96
CA ARG C 130 53.18 6.43 -6.94
C ARG C 130 54.43 5.72 -7.44
N ALA C 131 54.55 4.44 -7.14
CA ALA C 131 55.70 3.66 -7.59
C ALA C 131 55.72 3.54 -9.11
N HIS C 132 54.53 3.42 -9.70
CA HIS C 132 54.41 3.28 -11.15
C HIS C 132 54.64 4.61 -11.87
N ASP C 133 53.97 5.66 -11.39
CA ASP C 133 54.14 6.99 -11.95
C ASP C 133 53.93 8.04 -10.86
N ARG C 134 55.03 8.43 -10.21
CA ARG C 134 55.00 9.33 -9.06
C ARG C 134 54.31 10.66 -9.34
N GLU C 135 54.73 11.33 -10.40
CA GLU C 135 54.20 12.65 -10.74
C GLU C 135 52.70 12.61 -11.05
N MET C 136 52.28 11.67 -11.89
CA MET C 136 50.87 11.62 -12.29
C MET C 136 49.96 11.12 -11.17
N ALA C 137 50.48 10.26 -10.30
CA ALA C 137 49.70 9.76 -9.18
C ALA C 137 49.46 10.85 -8.15
N ASP C 138 50.44 11.73 -7.97
CA ASP C 138 50.32 12.84 -7.02
C ASP C 138 49.25 13.84 -7.44
N GLU C 139 49.06 13.97 -8.76
CA GLU C 139 48.13 14.95 -9.29
C GLU C 139 46.67 14.50 -9.19
N ILE C 140 46.46 13.32 -8.62
CA ILE C 140 45.12 12.80 -8.41
C ILE C 140 44.68 13.04 -6.96
N LEU C 141 45.67 13.20 -6.08
CA LEU C 141 45.43 13.33 -4.64
C LEU C 141 44.41 14.40 -4.27
N GLU C 142 44.77 15.66 -4.48
CA GLU C 142 43.89 16.78 -4.14
C GLU C 142 42.51 16.74 -4.82
N PRO C 143 42.44 16.37 -6.12
CA PRO C 143 41.12 16.21 -6.74
C PRO C 143 40.25 15.16 -6.03
N VAL C 144 40.87 14.12 -5.50
CA VAL C 144 40.14 13.11 -4.75
C VAL C 144 39.67 13.67 -3.41
N PHE C 145 40.56 14.39 -2.73
CA PHE C 145 40.21 14.98 -1.44
C PHE C 145 39.12 16.04 -1.61
N LEU C 146 39.14 16.72 -2.75
CA LEU C 146 38.13 17.71 -3.08
C LEU C 146 36.78 17.03 -3.21
N PHE C 147 36.79 15.86 -3.83
CA PHE C 147 35.59 15.06 -4.01
C PHE C 147 35.07 14.52 -2.67
N MET C 148 35.98 14.00 -1.86
CA MET C 148 35.64 13.43 -0.56
C MET C 148 34.95 14.44 0.37
N ARG C 149 35.46 15.67 0.38
CA ARG C 149 34.92 16.71 1.25
C ARG C 149 33.58 17.25 0.75
N ALA C 150 33.32 17.10 -0.54
CA ALA C 150 32.04 17.50 -1.10
C ALA C 150 30.94 16.51 -0.71
N GLN C 151 31.33 15.26 -0.47
CA GLN C 151 30.38 14.21 -0.14
C GLN C 151 29.63 14.46 1.16
N THR C 152 30.28 15.16 2.11
CA THR C 152 29.67 15.40 3.41
C THR C 152 29.42 16.87 3.68
N ASP C 153 29.52 17.69 2.64
CA ASP C 153 29.28 19.13 2.76
C ASP C 153 27.81 19.36 3.10
N ARG C 154 27.56 20.22 4.08
CA ARG C 154 26.19 20.50 4.52
C ARG C 154 25.37 21.21 3.44
N THR C 155 26.03 21.65 2.38
CA THR C 155 25.33 22.34 1.29
C THR C 155 24.31 21.44 0.58
N ARG C 156 24.48 20.13 0.70
CA ARG C 156 23.57 19.20 0.03
C ARG C 156 22.27 19.01 0.82
N ALA C 157 22.21 19.62 2.00
CA ALA C 157 21.00 19.58 2.82
C ALA C 157 20.34 20.95 2.84
N ARG C 158 20.81 21.84 1.98
CA ARG C 158 20.25 23.18 1.86
C ARG C 158 19.71 23.40 0.44
N PRO C 159 18.74 24.31 0.28
CA PRO C 159 18.14 24.59 -1.02
C PRO C 159 19.17 25.03 -2.07
N MET C 160 19.00 24.56 -3.30
CA MET C 160 19.86 24.96 -4.39
C MET C 160 19.13 24.84 -5.74
N GLY C 161 19.36 25.81 -6.61
CA GLY C 161 18.80 25.77 -7.95
C GLY C 161 19.64 24.89 -8.83
N LEU C 162 19.30 24.80 -10.11
CA LEU C 162 20.05 23.97 -11.04
C LEU C 162 21.49 24.44 -11.17
N GLY C 163 21.68 25.75 -11.26
CA GLY C 163 23.01 26.31 -11.42
C GLY C 163 23.94 26.04 -10.25
N GLY C 164 23.45 26.28 -9.04
CA GLY C 164 24.24 26.03 -7.85
C GLY C 164 24.51 24.56 -7.63
N TYR C 165 23.54 23.73 -8.00
CA TYR C 165 23.70 22.28 -7.89
C TYR C 165 24.82 21.77 -8.79
N LEU C 166 24.80 22.15 -10.06
CA LEU C 166 25.80 21.70 -11.02
C LEU C 166 27.20 22.12 -10.61
N GLU C 167 27.32 23.26 -9.96
CA GLU C 167 28.61 23.75 -9.50
C GLU C 167 29.12 22.89 -8.35
N TYR C 168 28.22 22.54 -7.43
CA TYR C 168 28.58 21.67 -6.31
C TYR C 168 28.84 20.24 -6.78
N ARG C 169 28.02 19.77 -7.72
CA ARG C 169 28.11 18.40 -8.20
C ARG C 169 29.40 18.12 -8.96
N GLU C 170 30.01 19.17 -9.50
CA GLU C 170 31.28 19.00 -10.21
C GLU C 170 32.33 18.40 -9.27
N ARG C 171 32.21 18.71 -7.99
CA ARG C 171 33.10 18.17 -6.97
C ARG C 171 32.58 16.84 -6.44
N ASP C 172 31.26 16.75 -6.26
CA ASP C 172 30.63 15.54 -5.73
C ASP C 172 30.65 14.40 -6.76
N VAL C 173 30.72 14.75 -8.04
CA VAL C 173 30.80 13.76 -9.09
C VAL C 173 32.25 13.38 -9.33
N GLY C 174 33.17 14.10 -8.69
CA GLY C 174 34.59 13.84 -8.82
C GLY C 174 35.11 14.03 -10.23
N LYS C 175 34.62 15.06 -10.91
CA LYS C 175 35.03 15.36 -12.27
C LYS C 175 36.55 15.51 -12.38
N GLU C 176 37.14 16.17 -11.40
CA GLU C 176 38.57 16.46 -11.42
C GLU C 176 39.40 15.20 -11.20
N LEU C 177 38.98 14.35 -10.27
CA LEU C 177 39.71 13.12 -9.99
C LEU C 177 39.61 12.17 -11.19
N LEU C 178 38.47 12.18 -11.86
CA LEU C 178 38.27 11.35 -13.05
C LEU C 178 39.17 11.83 -14.17
N ALA C 179 39.37 13.13 -14.25
CA ALA C 179 40.22 13.71 -15.29
C ALA C 179 41.68 13.37 -15.04
N ALA C 180 42.11 13.48 -13.79
CA ALA C 180 43.49 13.19 -13.43
C ALA C 180 43.78 11.69 -13.52
N LEU C 181 42.78 10.88 -13.20
CA LEU C 181 42.92 9.43 -13.27
C LEU C 181 42.99 8.98 -14.73
N MET C 182 42.22 9.62 -15.58
CA MET C 182 42.25 9.33 -17.01
C MET C 182 43.64 9.60 -17.57
N ARG C 183 44.19 10.77 -17.22
CA ARG C 183 45.51 11.15 -17.70
C ARG C 183 46.57 10.18 -17.17
N PHE C 184 46.45 9.83 -15.90
CA PHE C 184 47.33 8.86 -15.26
C PHE C 184 47.29 7.53 -15.98
N SER C 185 46.08 7.05 -16.26
CA SER C 185 45.89 5.73 -16.84
C SER C 185 46.38 5.66 -18.29
N MET C 186 46.40 6.82 -18.95
CA MET C 186 46.80 6.87 -20.35
C MET C 186 48.24 7.33 -20.51
N GLY C 187 48.87 7.69 -19.41
CA GLY C 187 50.20 8.27 -19.43
C GLY C 187 50.19 9.61 -20.13
N LEU C 188 49.04 10.27 -20.11
CA LEU C 188 48.83 11.52 -20.82
C LEU C 188 49.22 12.72 -19.98
N LYS C 189 50.42 13.25 -20.23
CA LYS C 189 50.88 14.43 -19.52
C LYS C 189 50.48 15.70 -20.27
N LEU C 190 49.96 16.68 -19.53
CA LEU C 190 49.57 17.96 -20.11
C LEU C 190 50.16 19.10 -19.32
N SER C 191 50.67 20.11 -20.02
CA SER C 191 51.22 21.30 -19.38
C SER C 191 50.09 22.08 -18.72
N PRO C 192 50.44 22.94 -17.74
CA PRO C 192 49.44 23.80 -17.10
C PRO C 192 48.67 24.63 -18.12
N SER C 193 49.37 25.15 -19.12
CA SER C 193 48.73 25.96 -20.16
C SER C 193 47.72 25.14 -20.97
N GLU C 194 48.06 23.88 -21.25
CA GLU C 194 47.16 22.99 -21.98
C GLU C 194 45.88 22.72 -21.19
N LEU C 195 46.03 22.50 -19.89
CA LEU C 195 44.90 22.24 -19.02
C LEU C 195 44.02 23.48 -18.88
N GLN C 196 44.64 24.64 -18.90
CA GLN C 196 43.92 25.91 -18.82
C GLN C 196 43.11 26.16 -20.09
N ARG C 197 43.57 25.61 -21.21
CA ARG C 197 42.88 25.79 -22.48
C ARG C 197 41.53 25.06 -22.52
N VAL C 198 41.43 23.95 -21.79
CA VAL C 198 40.22 23.13 -21.85
C VAL C 198 39.41 23.16 -20.55
N ARG C 199 39.46 24.29 -19.85
CA ARG C 199 38.67 24.46 -18.64
C ARG C 199 37.17 24.43 -18.91
N GLU C 200 36.75 25.15 -19.95
CA GLU C 200 35.33 25.19 -20.32
C GLU C 200 34.83 23.83 -20.76
N ILE C 201 35.69 23.10 -21.48
CA ILE C 201 35.36 21.76 -21.93
C ILE C 201 35.17 20.81 -20.74
N ASP C 202 36.07 20.92 -19.76
CA ASP C 202 35.96 20.16 -18.52
C ASP C 202 34.67 20.48 -17.77
N ALA C 203 34.39 21.77 -17.60
CA ALA C 203 33.19 22.21 -16.89
C ALA C 203 31.91 21.72 -17.55
N ASN C 204 31.90 21.75 -18.89
CA ASN C 204 30.76 21.26 -19.65
C ASN C 204 30.58 19.75 -19.50
N CYS C 205 31.69 19.02 -19.57
CA CYS C 205 31.67 17.56 -19.44
C CYS C 205 31.16 17.12 -18.07
N SER C 206 31.53 17.87 -17.04
CA SER C 206 31.11 17.58 -15.67
C SER C 206 29.59 17.54 -15.52
N LYS C 207 28.91 18.52 -16.11
CA LYS C 207 27.46 18.59 -16.04
C LYS C 207 26.81 17.40 -16.72
N HIS C 208 27.39 16.95 -17.82
CA HIS C 208 26.88 15.78 -18.53
C HIS C 208 27.03 14.52 -17.68
N LEU C 209 28.22 14.32 -17.11
CA LEU C 209 28.47 13.18 -16.22
C LEU C 209 27.51 13.18 -15.04
N SER C 210 27.31 14.35 -14.46
CA SER C 210 26.49 14.49 -13.26
C SER C 210 25.02 14.16 -13.53
N VAL C 211 24.46 14.80 -14.55
CA VAL C 211 23.04 14.67 -14.84
C VAL C 211 22.67 13.29 -15.37
N VAL C 212 23.53 12.71 -16.20
CA VAL C 212 23.31 11.36 -16.72
C VAL C 212 23.24 10.36 -15.55
N ASN C 213 24.13 10.51 -14.59
CA ASN C 213 24.07 9.68 -13.39
C ASN C 213 22.80 9.95 -12.59
N ASP C 214 22.47 11.23 -12.41
CA ASP C 214 21.25 11.61 -11.68
C ASP C 214 20.01 10.98 -12.28
N ILE C 215 19.97 10.93 -13.61
CA ILE C 215 18.82 10.39 -14.32
C ILE C 215 18.61 8.91 -14.02
N TYR C 216 19.67 8.12 -14.18
CA TYR C 216 19.56 6.67 -14.05
C TYR C 216 19.61 6.18 -12.62
N SER C 217 20.21 6.95 -11.73
CA SER C 217 20.38 6.52 -10.34
C SER C 217 19.29 7.05 -9.43
N TYR C 218 18.33 7.76 -10.01
CA TYR C 218 17.28 8.41 -9.23
C TYR C 218 16.46 7.45 -8.37
N GLU C 219 16.02 6.35 -8.97
CA GLU C 219 15.21 5.36 -8.25
C GLU C 219 15.96 4.81 -7.04
N LYS C 220 17.25 4.57 -7.22
CA LYS C 220 18.11 4.09 -6.14
C LYS C 220 18.19 5.09 -4.99
N GLU C 221 18.42 6.35 -5.34
CA GLU C 221 18.62 7.39 -4.34
C GLU C 221 17.33 7.84 -3.69
N LEU C 222 16.21 7.64 -4.38
CA LEU C 222 14.90 7.92 -3.82
C LEU C 222 14.63 6.93 -2.69
N TYR C 223 14.87 5.65 -2.98
CA TYR C 223 14.69 4.59 -2.00
C TYR C 223 15.64 4.78 -0.82
N THR C 224 16.87 5.20 -1.12
CA THR C 224 17.87 5.46 -0.09
C THR C 224 17.41 6.57 0.84
N SER C 225 16.81 7.62 0.29
CA SER C 225 16.38 8.77 1.07
C SER C 225 15.28 8.40 2.05
N LYS C 226 14.54 7.35 1.73
CA LYS C 226 13.42 6.92 2.56
C LYS C 226 13.84 5.91 3.63
N THR C 227 15.01 5.30 3.45
CA THR C 227 15.40 4.19 4.30
C THR C 227 16.75 4.34 5.02
N ALA C 228 17.64 5.16 4.47
CA ALA C 228 18.98 5.31 5.04
C ALA C 228 19.03 6.40 6.11
N HIS C 229 20.21 6.96 6.31
CA HIS C 229 20.40 8.04 7.27
C HIS C 229 19.75 9.32 6.78
N SER C 230 19.22 10.12 7.70
CA SER C 230 18.54 11.35 7.36
C SER C 230 19.47 12.39 6.71
N GLU C 231 20.77 12.25 6.94
CA GLU C 231 21.75 13.17 6.36
C GLU C 231 22.50 12.54 5.20
N GLY C 232 23.20 11.44 5.47
CA GLY C 232 24.00 10.77 4.45
C GLY C 232 23.16 10.24 3.30
N GLY C 233 21.89 10.00 3.56
CA GLY C 233 20.98 9.49 2.54
C GLY C 233 20.09 10.55 1.94
N ILE C 234 20.37 11.82 2.25
CA ILE C 234 19.56 12.93 1.74
C ILE C 234 19.49 12.93 0.22
N LEU C 235 18.33 13.25 -0.32
CA LEU C 235 18.14 13.31 -1.76
C LEU C 235 18.82 14.55 -2.31
N CYS C 236 19.82 14.34 -3.17
CA CYS C 236 20.55 15.45 -3.78
C CYS C 236 20.84 15.14 -5.23
N THR C 237 19.97 15.63 -6.11
CA THR C 237 20.06 15.32 -7.54
C THR C 237 19.36 16.37 -8.39
N SER C 238 19.79 16.50 -9.64
CA SER C 238 19.19 17.46 -10.56
C SER C 238 17.74 17.09 -10.86
N VAL C 239 17.42 15.81 -10.72
CA VAL C 239 16.07 15.34 -10.98
C VAL C 239 15.06 15.96 -10.03
N GLN C 240 15.31 15.84 -8.73
CA GLN C 240 14.44 16.45 -7.72
C GLN C 240 14.41 17.96 -7.88
N ILE C 241 15.58 18.54 -8.08
CA ILE C 241 15.72 19.99 -8.15
C ILE C 241 14.93 20.59 -9.31
N LEU C 242 15.09 20.04 -10.50
CA LEU C 242 14.36 20.53 -11.66
C LEU C 242 12.85 20.28 -11.51
N ALA C 243 12.50 19.14 -10.94
CA ALA C 243 11.11 18.79 -10.69
C ALA C 243 10.45 19.80 -9.76
N GLN C 244 11.23 20.27 -8.79
CA GLN C 244 10.77 21.28 -7.84
C GLN C 244 10.70 22.67 -8.49
N GLU C 245 11.70 22.96 -9.32
CA GLU C 245 11.78 24.25 -10.00
C GLU C 245 10.59 24.50 -10.92
N ALA C 246 10.15 23.44 -11.61
CA ALA C 246 9.12 23.59 -12.63
C ALA C 246 7.78 23.00 -12.23
N ASP C 247 7.64 22.57 -10.98
CA ASP C 247 6.43 21.92 -10.50
C ASP C 247 6.04 20.79 -11.46
N VAL C 248 6.84 19.73 -11.45
CA VAL C 248 6.73 18.65 -12.43
C VAL C 248 7.24 17.36 -11.79
N THR C 249 6.82 16.21 -12.30
CA THR C 249 7.25 14.93 -11.73
C THR C 249 8.71 14.61 -12.03
N ALA C 250 9.24 13.61 -11.34
CA ALA C 250 10.63 13.20 -11.52
C ALA C 250 10.83 12.61 -12.92
N GLU C 251 9.84 11.86 -13.39
CA GLU C 251 9.90 11.27 -14.72
C GLU C 251 9.92 12.34 -15.80
N ALA C 252 9.13 13.38 -15.61
CA ALA C 252 9.11 14.50 -16.54
C ALA C 252 10.42 15.27 -16.49
N ALA C 253 10.98 15.38 -15.28
CA ALA C 253 12.25 16.06 -15.09
C ALA C 253 13.39 15.31 -15.81
N LYS C 254 13.36 13.99 -15.75
CA LYS C 254 14.37 13.17 -16.41
C LYS C 254 14.39 13.41 -17.91
N ARG C 255 13.21 13.42 -18.52
CA ARG C 255 13.08 13.63 -19.95
C ARG C 255 13.64 14.98 -20.38
N VAL C 256 13.42 15.99 -19.56
CA VAL C 256 13.93 17.33 -19.85
C VAL C 256 15.44 17.38 -19.66
N LEU C 257 15.91 16.77 -18.57
CA LEU C 257 17.33 16.72 -18.26
C LEU C 257 18.12 15.96 -19.31
N PHE C 258 17.49 14.95 -19.91
CA PHE C 258 18.13 14.14 -20.94
C PHE C 258 18.34 14.97 -22.20
N VAL C 259 17.37 15.82 -22.54
CA VAL C 259 17.49 16.71 -23.68
C VAL C 259 18.60 17.72 -23.43
N MET C 260 18.71 18.17 -22.18
CA MET C 260 19.76 19.08 -21.76
C MET C 260 21.15 18.46 -21.92
N CYS C 261 21.26 17.16 -21.66
CA CYS C 261 22.54 16.46 -21.79
C CYS C 261 23.04 16.48 -23.23
N ARG C 262 22.14 16.24 -24.18
CA ARG C 262 22.50 16.24 -25.59
C ARG C 262 22.96 17.62 -26.05
N GLU C 263 22.44 18.66 -25.39
CA GLU C 263 22.87 20.02 -25.68
C GLU C 263 24.30 20.24 -25.19
N TRP C 264 24.62 19.65 -24.04
CA TRP C 264 25.98 19.69 -23.51
C TRP C 264 26.92 18.91 -24.42
N GLU C 265 26.42 17.83 -25.00
CA GLU C 265 27.19 17.04 -25.96
C GLU C 265 27.50 17.89 -27.19
N LEU C 266 26.50 18.64 -27.65
CA LEU C 266 26.66 19.50 -28.80
C LEU C 266 27.62 20.64 -28.47
N ARG C 267 27.53 21.16 -27.26
CA ARG C 267 28.42 22.23 -26.81
C ARG C 267 29.87 21.74 -26.76
N HIS C 268 30.03 20.49 -26.33
CA HIS C 268 31.35 19.86 -26.27
C HIS C 268 32.02 19.86 -27.63
N GLN C 269 31.26 19.49 -28.66
CA GLN C 269 31.77 19.43 -30.02
C GLN C 269 32.10 20.82 -30.55
N LEU C 270 31.30 21.82 -30.20
CA LEU C 270 31.57 23.18 -30.62
C LEU C 270 32.83 23.73 -29.98
N LEU C 271 32.99 23.44 -28.69
CA LEU C 271 34.17 23.90 -27.95
C LEU C 271 35.45 23.28 -28.48
N VAL C 272 35.38 21.99 -28.81
CA VAL C 272 36.54 21.27 -29.36
C VAL C 272 36.87 21.78 -30.77
N ALA C 273 35.84 21.95 -31.59
CA ALA C 273 36.02 22.43 -32.96
C ALA C 273 36.64 23.83 -32.97
N ARG C 274 36.22 24.67 -32.04
CA ARG C 274 36.77 26.01 -31.91
C ARG C 274 38.23 25.95 -31.47
N LEU C 275 38.52 25.04 -30.55
CA LEU C 275 39.89 24.83 -30.08
C LEU C 275 40.80 24.42 -31.22
N SER C 276 40.31 23.52 -32.07
CA SER C 276 41.08 23.03 -33.19
C SER C 276 41.23 24.09 -34.27
N ALA C 277 40.14 24.80 -34.56
CA ALA C 277 40.15 25.87 -35.55
C ALA C 277 41.08 27.01 -35.13
N GLU C 278 41.21 27.21 -33.82
CA GLU C 278 42.09 28.24 -33.28
C GLU C 278 43.55 27.82 -33.38
N GLY C 279 43.78 26.58 -33.78
CA GLY C 279 45.12 26.04 -33.86
C GLY C 279 45.70 25.82 -32.47
N LEU C 280 44.83 25.55 -31.50
CA LEU C 280 45.26 25.39 -30.12
C LEU C 280 45.14 23.95 -29.63
N GLU C 281 44.67 23.07 -30.50
CA GLU C 281 44.51 21.66 -30.13
C GLU C 281 45.81 20.88 -30.35
N THR C 282 46.59 20.75 -29.29
CA THR C 282 47.81 19.96 -29.33
C THR C 282 47.47 18.48 -29.41
N PRO C 283 48.43 17.65 -29.80
CA PRO C 283 48.22 16.19 -29.83
C PRO C 283 47.74 15.64 -28.49
N GLY C 284 48.32 16.12 -27.40
CA GLY C 284 47.91 15.71 -26.07
C GLY C 284 46.50 16.17 -25.74
N LEU C 285 46.14 17.36 -26.23
CA LEU C 285 44.82 17.92 -25.99
C LEU C 285 43.76 17.17 -26.81
N ALA C 286 44.14 16.74 -28.02
CA ALA C 286 43.24 15.96 -28.85
C ALA C 286 42.91 14.63 -28.20
N ALA C 287 43.90 14.01 -27.58
CA ALA C 287 43.68 12.74 -26.89
C ALA C 287 42.84 12.96 -25.65
N TYR C 288 43.04 14.08 -24.98
CA TYR C 288 42.33 14.39 -23.74
C TYR C 288 40.85 14.62 -23.97
N VAL C 289 40.52 15.46 -24.94
CA VAL C 289 39.11 15.81 -25.21
C VAL C 289 38.33 14.61 -25.75
N GLU C 290 39.03 13.74 -26.48
CA GLU C 290 38.43 12.50 -26.95
C GLU C 290 38.18 11.58 -25.76
N GLY C 291 39.09 11.61 -24.79
CA GLY C 291 38.95 10.84 -23.58
C GLY C 291 37.75 11.26 -22.75
N LEU C 292 37.46 12.56 -22.76
CA LEU C 292 36.30 13.08 -22.03
C LEU C 292 35.01 12.59 -22.66
N GLU C 293 34.99 12.54 -23.99
CA GLU C 293 33.82 12.05 -24.72
C GLU C 293 33.56 10.59 -24.36
N TYR C 294 34.63 9.81 -24.21
CA TYR C 294 34.52 8.42 -23.78
C TYR C 294 33.91 8.34 -22.39
N GLN C 295 34.31 9.26 -21.51
CA GLN C 295 33.75 9.29 -20.15
C GLN C 295 32.26 9.52 -20.20
N MET C 296 31.84 10.49 -20.99
CA MET C 296 30.42 10.84 -21.12
C MET C 296 29.59 9.71 -21.73
N SER C 297 30.10 9.12 -22.81
CA SER C 297 29.38 8.05 -23.49
C SER C 297 29.42 6.75 -22.69
N GLY C 298 30.57 6.47 -22.09
CA GLY C 298 30.75 5.28 -21.29
C GLY C 298 29.89 5.31 -20.04
N ASN C 299 29.82 6.47 -19.41
CA ASN C 299 29.01 6.66 -18.22
C ASN C 299 27.54 6.36 -18.49
N GLU C 300 27.05 6.80 -19.64
CA GLU C 300 25.66 6.59 -20.02
C GLU C 300 25.38 5.12 -20.31
N LEU C 301 26.26 4.49 -21.08
CA LEU C 301 26.11 3.08 -21.45
C LEU C 301 26.03 2.21 -20.20
N TRP C 302 26.95 2.43 -19.27
CA TRP C 302 26.97 1.67 -18.02
C TRP C 302 25.73 1.93 -17.17
N SER C 303 25.35 3.21 -17.03
CA SER C 303 24.20 3.59 -16.23
C SER C 303 22.91 2.96 -16.75
N GLN C 304 22.87 2.72 -18.06
CA GLN C 304 21.72 2.10 -18.69
C GLN C 304 21.63 0.61 -18.38
N THR C 305 22.80 -0.03 -18.27
CA THR C 305 22.86 -1.49 -18.17
C THR C 305 23.05 -2.02 -16.76
N THR C 306 23.73 -1.25 -15.90
CA THR C 306 24.14 -1.75 -14.59
C THR C 306 22.98 -2.12 -13.66
N LEU C 307 23.18 -3.18 -12.88
CA LEU C 307 22.19 -3.62 -11.91
C LEU C 307 22.16 -2.71 -10.68
N ARG C 308 23.12 -1.81 -10.60
CA ARG C 308 23.19 -0.86 -9.49
C ARG C 308 21.99 0.08 -9.55
N TYR C 309 21.52 0.36 -10.76
CA TYR C 309 20.40 1.28 -10.96
C TYR C 309 19.13 0.54 -11.40
N SER C 310 19.30 -0.67 -11.94
CA SER C 310 18.16 -1.49 -12.37
C SER C 310 17.40 -2.06 -11.18
N VAL C 311 18.14 -2.55 -10.20
CA VAL C 311 17.52 -3.18 -9.02
C VAL C 311 17.63 -2.28 -7.79
N LEU D 8 14.04 26.25 -35.29
CA LEU D 8 13.39 25.77 -34.08
C LEU D 8 12.21 24.86 -34.39
N GLU D 9 12.37 23.59 -34.06
CA GLU D 9 11.30 22.61 -34.28
C GLU D 9 10.56 22.28 -32.99
N PRO D 10 9.30 22.73 -32.90
CA PRO D 10 8.45 22.43 -31.74
C PRO D 10 8.19 20.94 -31.62
N PRO D 11 8.39 20.38 -30.41
CA PRO D 11 8.07 18.98 -30.12
C PRO D 11 6.58 18.70 -30.34
N PRO D 12 6.22 17.44 -30.59
CA PRO D 12 4.82 17.06 -30.81
C PRO D 12 3.91 17.50 -29.67
N SER D 13 2.67 17.88 -30.00
CA SER D 13 1.70 18.32 -29.00
C SER D 13 0.31 17.79 -29.33
N THR D 14 -0.50 17.57 -28.29
CA THR D 14 -1.85 17.08 -28.48
C THR D 14 -2.88 18.20 -28.33
N PHE D 15 -2.41 19.35 -27.83
CA PHE D 15 -3.26 20.53 -27.74
C PHE D 15 -3.56 21.07 -29.14
N GLN D 16 -4.84 21.27 -29.43
CA GLN D 16 -5.25 21.81 -30.72
C GLN D 16 -5.72 23.25 -30.60
N PRO D 17 -5.21 24.13 -31.48
CA PRO D 17 -5.53 25.55 -31.44
C PRO D 17 -6.83 25.86 -32.17
N LEU D 18 -7.67 26.69 -31.57
CA LEU D 18 -8.91 27.12 -32.21
C LEU D 18 -8.95 28.65 -32.26
N CYS D 19 -9.50 29.18 -33.34
CA CYS D 19 -9.61 30.63 -33.49
C CYS D 19 -11.07 31.06 -33.51
N HIS D 20 -11.35 32.21 -32.89
CA HIS D 20 -12.70 32.77 -32.87
C HIS D 20 -13.18 33.04 -34.29
N PRO D 21 -14.42 32.63 -34.60
CA PRO D 21 -15.00 32.74 -35.94
C PRO D 21 -14.96 34.15 -36.52
N LEU D 22 -15.16 35.16 -35.68
CA LEU D 22 -15.20 36.55 -36.14
C LEU D 22 -13.84 37.24 -36.14
N VAL D 23 -12.78 36.47 -36.29
CA VAL D 23 -11.41 37.00 -36.20
C VAL D 23 -11.15 38.17 -37.16
N GLU D 24 -11.68 38.09 -38.37
CA GLU D 24 -11.40 39.09 -39.40
C GLU D 24 -12.15 40.40 -39.17
N GLU D 25 -13.43 40.30 -38.84
CA GLU D 25 -14.26 41.49 -38.64
C GLU D 25 -13.83 42.26 -37.38
N VAL D 26 -13.52 41.52 -36.33
CA VAL D 26 -13.14 42.13 -35.06
C VAL D 26 -11.72 42.71 -35.15
N SER D 27 -10.87 42.08 -35.95
CA SER D 27 -9.53 42.60 -36.19
C SER D 27 -9.58 43.96 -36.86
N LYS D 28 -10.32 44.06 -37.96
CA LYS D 28 -10.48 45.32 -38.66
C LYS D 28 -11.10 46.38 -37.76
N GLU D 29 -12.04 45.97 -36.92
CA GLU D 29 -12.70 46.90 -36.00
C GLU D 29 -11.74 47.44 -34.96
N VAL D 30 -10.97 46.56 -34.33
CA VAL D 30 -10.08 46.95 -33.24
C VAL D 30 -8.79 47.61 -33.74
N ASP D 31 -8.18 47.02 -34.76
CA ASP D 31 -7.03 47.65 -35.42
C ASP D 31 -7.39 49.05 -35.88
N GLY D 32 -8.57 49.19 -36.48
CA GLY D 32 -9.02 50.47 -37.00
C GLY D 32 -9.19 51.51 -35.92
N TYR D 33 -9.69 51.09 -34.77
CA TYR D 33 -9.86 52.00 -33.64
C TYR D 33 -8.53 52.56 -33.18
N PHE D 34 -7.56 51.68 -32.96
CA PHE D 34 -6.25 52.10 -32.48
C PHE D 34 -5.45 52.88 -33.52
N LEU D 35 -5.62 52.54 -34.80
CA LEU D 35 -4.97 53.31 -35.86
C LEU D 35 -5.53 54.73 -35.90
N GLN D 36 -6.72 54.91 -35.35
CA GLN D 36 -7.39 56.19 -35.33
C GLN D 36 -7.07 57.00 -34.08
N HIS D 37 -6.95 56.31 -32.94
CA HIS D 37 -6.83 56.99 -31.65
C HIS D 37 -5.44 56.94 -31.01
N TRP D 38 -4.72 55.84 -31.20
CA TRP D 38 -3.43 55.66 -30.54
C TRP D 38 -2.35 56.58 -31.14
N ASN D 39 -1.41 57.00 -30.29
CA ASN D 39 -0.35 57.91 -30.71
C ASN D 39 0.84 57.18 -31.33
N PHE D 40 0.70 56.77 -32.59
CA PHE D 40 1.80 56.16 -33.32
C PHE D 40 2.78 57.23 -33.81
N PRO D 41 4.09 56.97 -33.66
CA PRO D 41 5.12 57.94 -34.02
C PRO D 41 5.25 58.14 -35.54
N ASN D 42 5.00 57.09 -36.31
CA ASN D 42 5.15 57.16 -37.76
C ASN D 42 4.39 56.06 -38.48
N GLU D 43 4.48 56.06 -39.81
CA GLU D 43 3.76 55.08 -40.63
C GLU D 43 4.32 53.68 -40.44
N LYS D 44 5.64 53.57 -40.29
CA LYS D 44 6.27 52.28 -40.07
C LYS D 44 5.76 51.63 -38.78
N ALA D 45 5.55 52.46 -37.76
CA ALA D 45 5.03 51.99 -36.48
C ALA D 45 3.59 51.49 -36.63
N ARG D 46 2.82 52.21 -37.45
CA ARG D 46 1.44 51.82 -37.72
C ARG D 46 1.39 50.48 -38.44
N LYS D 47 2.28 50.29 -39.40
CA LYS D 47 2.34 49.06 -40.17
C LYS D 47 2.81 47.87 -39.32
N LYS D 48 3.74 48.13 -38.42
CA LYS D 48 4.26 47.10 -37.52
C LYS D 48 3.16 46.66 -36.55
N PHE D 49 2.29 47.60 -36.22
CA PHE D 49 1.17 47.33 -35.31
C PHE D 49 0.20 46.33 -35.92
N VAL D 50 -0.17 46.58 -37.17
CA VAL D 50 -1.08 45.71 -37.90
C VAL D 50 -0.44 44.33 -38.13
N ALA D 51 0.87 44.33 -38.36
CA ALA D 51 1.59 43.10 -38.63
C ALA D 51 1.63 42.16 -37.42
N ALA D 52 1.48 42.72 -36.23
CA ALA D 52 1.52 41.93 -35.00
C ALA D 52 0.32 41.01 -34.85
N GLY D 53 -0.85 41.50 -35.22
CA GLY D 53 -2.07 40.72 -35.10
C GLY D 53 -2.53 40.59 -33.66
N PHE D 54 -2.62 41.72 -32.97
CA PHE D 54 -3.01 41.71 -31.55
C PHE D 54 -4.44 41.25 -31.34
N SER D 55 -5.29 41.44 -32.34
CA SER D 55 -6.65 40.94 -32.26
C SER D 55 -6.70 39.45 -32.63
N ARG D 56 -5.78 39.02 -33.48
CA ARG D 56 -5.71 37.63 -33.87
C ARG D 56 -5.33 36.73 -32.70
N VAL D 57 -4.36 37.17 -31.90
CA VAL D 57 -3.93 36.39 -30.75
C VAL D 57 -5.03 36.31 -29.71
N THR D 58 -5.80 37.39 -29.58
CA THR D 58 -6.93 37.44 -28.66
C THR D 58 -8.01 36.44 -29.08
N CYS D 59 -8.17 36.28 -30.39
CA CYS D 59 -9.17 35.36 -30.93
C CYS D 59 -8.71 33.91 -30.82
N LEU D 60 -7.40 33.72 -30.74
CA LEU D 60 -6.83 32.39 -30.52
C LEU D 60 -6.82 32.05 -29.04
N TYR D 61 -6.87 33.09 -28.20
CA TYR D 61 -6.89 32.92 -26.76
C TYR D 61 -8.28 32.56 -26.27
N PHE D 62 -9.28 33.31 -26.77
CA PHE D 62 -10.66 33.12 -26.35
C PHE D 62 -11.54 32.80 -27.54
N PRO D 63 -11.42 31.58 -28.08
CA PRO D 63 -12.13 31.20 -29.30
C PRO D 63 -13.63 31.03 -29.06
N LYS D 64 -14.00 30.83 -27.80
CA LYS D 64 -15.40 30.64 -27.44
C LYS D 64 -15.94 31.83 -26.64
N ALA D 65 -15.40 33.00 -26.92
CA ALA D 65 -15.96 34.24 -26.40
C ALA D 65 -17.26 34.50 -27.15
N LEU D 66 -18.21 35.13 -26.47
CA LEU D 66 -19.47 35.50 -27.11
C LEU D 66 -19.19 36.50 -28.22
N ASP D 67 -19.95 36.41 -29.30
CA ASP D 67 -19.72 37.25 -30.48
C ASP D 67 -19.81 38.75 -30.18
N ASP D 68 -20.45 39.10 -29.08
CA ASP D 68 -20.64 40.50 -28.72
C ASP D 68 -19.70 40.95 -27.61
N ARG D 69 -18.78 40.07 -27.21
CA ARG D 69 -17.87 40.38 -26.12
C ARG D 69 -16.40 40.27 -26.53
N ILE D 70 -16.14 39.60 -27.65
CA ILE D 70 -14.79 39.35 -28.11
C ILE D 70 -14.02 40.64 -28.38
N HIS D 71 -14.71 41.66 -28.88
CA HIS D 71 -14.07 42.92 -29.21
C HIS D 71 -13.56 43.63 -27.96
N PHE D 72 -14.25 43.44 -26.84
CA PHE D 72 -13.80 44.01 -25.56
C PHE D 72 -12.45 43.44 -25.18
N ALA D 73 -12.28 42.13 -25.37
CA ALA D 73 -11.03 41.47 -25.04
C ALA D 73 -9.91 41.94 -25.96
N CYS D 74 -10.19 42.04 -27.26
CA CYS D 74 -9.19 42.49 -28.22
C CYS D 74 -8.70 43.90 -27.89
N ARG D 75 -9.61 44.77 -27.46
CA ARG D 75 -9.26 46.14 -27.12
C ARG D 75 -8.37 46.20 -25.89
N LEU D 76 -8.66 45.36 -24.89
CA LEU D 76 -7.89 45.33 -23.66
C LEU D 76 -6.49 44.75 -23.89
N LEU D 77 -6.40 43.67 -24.64
CA LEU D 77 -5.10 43.06 -24.94
C LEU D 77 -4.24 43.98 -25.79
N THR D 78 -4.86 44.62 -26.78
CA THR D 78 -4.14 45.52 -27.68
C THR D 78 -3.48 46.67 -26.95
N VAL D 79 -4.24 47.35 -26.10
CA VAL D 79 -3.72 48.51 -25.37
C VAL D 79 -2.63 48.11 -24.37
N LEU D 80 -2.79 46.96 -23.74
CA LEU D 80 -1.79 46.48 -22.79
C LEU D 80 -0.50 46.07 -23.50
N PHE D 81 -0.65 45.53 -24.71
CA PHE D 81 0.50 45.23 -25.56
C PHE D 81 1.27 46.50 -25.85
N LEU D 82 0.56 47.53 -26.27
CA LEU D 82 1.17 48.81 -26.64
C LEU D 82 1.88 49.46 -25.47
N ILE D 83 1.31 49.33 -24.28
CA ILE D 83 1.90 49.89 -23.07
C ILE D 83 3.14 49.08 -22.67
N ASP D 84 3.06 47.78 -22.86
CA ASP D 84 4.15 46.86 -22.55
C ASP D 84 5.44 47.26 -23.28
N ASP D 85 5.29 47.69 -24.52
CA ASP D 85 6.44 48.12 -25.31
C ASP D 85 6.92 49.50 -24.87
N LEU D 86 5.99 50.35 -24.48
CA LEU D 86 6.33 51.71 -24.06
C LEU D 86 7.14 51.71 -22.76
N LEU D 87 6.81 50.80 -21.85
CA LEU D 87 7.50 50.71 -20.57
C LEU D 87 8.97 50.33 -20.71
N GLU D 88 9.33 49.74 -21.84
CA GLU D 88 10.70 49.32 -22.08
C GLU D 88 11.66 50.51 -22.20
N TYR D 89 11.11 51.69 -22.49
CA TYR D 89 11.94 52.89 -22.64
C TYR D 89 11.84 53.81 -21.44
N MET D 90 11.32 53.29 -20.33
CA MET D 90 11.22 54.06 -19.10
C MET D 90 11.97 53.35 -17.99
N SER D 91 12.30 54.08 -16.93
CA SER D 91 12.84 53.47 -15.73
C SER D 91 11.69 52.78 -15.00
N PHE D 92 12.03 52.01 -13.98
CA PHE D 92 11.02 51.36 -13.16
C PHE D 92 10.15 52.41 -12.47
N GLU D 93 10.75 53.57 -12.19
CA GLU D 93 10.03 54.68 -11.56
C GLU D 93 9.05 55.32 -12.53
N GLU D 94 9.56 55.75 -13.68
CA GLU D 94 8.73 56.36 -14.73
C GLU D 94 7.63 55.42 -15.19
N GLY D 95 7.98 54.16 -15.37
CA GLY D 95 7.01 53.16 -15.82
C GLY D 95 5.93 52.92 -14.79
N SER D 96 6.31 52.94 -13.52
CA SER D 96 5.35 52.78 -12.43
C SER D 96 4.38 53.95 -12.40
N ALA D 97 4.92 55.16 -12.50
CA ALA D 97 4.11 56.37 -12.49
C ALA D 97 3.14 56.37 -13.67
N TYR D 98 3.63 55.93 -14.83
CA TYR D 98 2.81 55.83 -16.04
C TYR D 98 1.63 54.88 -15.82
N ASN D 99 1.93 53.69 -15.29
CA ASN D 99 0.89 52.70 -15.04
C ASN D 99 -0.07 53.09 -13.91
N GLU D 100 0.48 53.67 -12.84
CA GLU D 100 -0.35 54.08 -11.70
C GLU D 100 -1.32 55.18 -12.08
N LYS D 101 -0.95 55.97 -13.08
CA LYS D 101 -1.80 57.05 -13.55
C LYS D 101 -3.02 56.51 -14.29
N LEU D 102 -2.91 55.28 -14.79
CA LEU D 102 -4.00 54.67 -15.57
C LEU D 102 -4.95 53.85 -14.72
N ILE D 103 -4.58 53.57 -13.48
CA ILE D 103 -5.39 52.70 -12.62
C ILE D 103 -6.69 53.33 -12.10
N PRO D 104 -6.63 54.56 -11.54
CA PRO D 104 -7.90 55.20 -11.15
C PRO D 104 -8.74 55.54 -12.37
N ILE D 105 -8.10 55.70 -13.52
CA ILE D 105 -8.81 55.94 -14.77
C ILE D 105 -9.51 54.68 -15.24
N SER D 106 -8.87 53.53 -15.02
CA SER D 106 -9.45 52.24 -15.39
C SER D 106 -10.70 51.96 -14.55
N ARG D 107 -10.69 52.46 -13.32
CA ARG D 107 -11.82 52.29 -12.42
C ARG D 107 -12.96 53.24 -12.76
N GLY D 108 -12.65 54.22 -13.61
CA GLY D 108 -13.63 55.24 -13.98
C GLY D 108 -13.78 56.27 -12.89
N ASP D 109 -12.95 56.16 -11.86
CA ASP D 109 -12.99 57.09 -10.73
C ASP D 109 -12.31 58.41 -11.06
N VAL D 110 -11.56 58.45 -12.15
CA VAL D 110 -10.82 59.65 -12.53
C VAL D 110 -10.99 60.02 -14.00
N LEU D 111 -11.32 61.29 -14.23
CA LEU D 111 -11.49 61.83 -15.57
C LEU D 111 -10.19 61.79 -16.36
N PRO D 112 -10.24 61.24 -17.59
CA PRO D 112 -9.04 61.17 -18.43
C PRO D 112 -8.75 62.48 -19.13
N ASP D 113 -7.47 62.78 -19.36
CA ASP D 113 -7.08 63.93 -20.14
C ASP D 113 -7.33 63.59 -21.61
N ARG D 114 -8.34 64.23 -22.19
CA ARG D 114 -8.79 63.90 -23.53
C ARG D 114 -7.74 64.22 -24.59
N SER D 115 -6.72 64.97 -24.20
CA SER D 115 -5.61 65.28 -25.10
C SER D 115 -4.56 64.17 -25.04
N ILE D 116 -4.74 63.23 -24.11
CA ILE D 116 -3.83 62.11 -23.97
C ILE D 116 -4.54 60.80 -24.31
N PRO D 117 -4.30 60.28 -25.53
CA PRO D 117 -4.98 59.10 -26.08
C PRO D 117 -5.03 57.91 -25.12
N VAL D 118 -3.89 57.52 -24.56
CA VAL D 118 -3.84 56.35 -23.69
C VAL D 118 -4.80 56.48 -22.50
N GLU D 119 -5.00 57.71 -22.02
CA GLU D 119 -5.88 57.93 -20.88
C GLU D 119 -7.37 57.76 -21.24
N TYR D 120 -7.79 58.29 -22.39
CA TYR D 120 -9.20 58.16 -22.76
C TYR D 120 -9.51 56.82 -23.43
N ILE D 121 -8.50 56.17 -24.00
CA ILE D 121 -8.69 54.82 -24.54
C ILE D 121 -8.95 53.84 -23.42
N ILE D 122 -8.17 53.96 -22.35
CA ILE D 122 -8.36 53.13 -21.16
C ILE D 122 -9.72 53.41 -20.51
N TYR D 123 -10.04 54.68 -20.34
CA TYR D 123 -11.28 55.08 -19.68
C TYR D 123 -12.51 54.60 -20.44
N ASP D 124 -12.57 54.87 -21.74
CA ASP D 124 -13.72 54.49 -22.55
C ASP D 124 -13.88 52.98 -22.67
N LEU D 125 -12.76 52.27 -22.73
CA LEU D 125 -12.77 50.82 -22.80
C LEU D 125 -13.48 50.24 -21.59
N TRP D 126 -13.01 50.64 -20.41
CA TRP D 126 -13.53 50.10 -19.16
C TRP D 126 -14.96 50.52 -18.89
N GLU D 127 -15.32 51.74 -19.29
CA GLU D 127 -16.68 52.21 -19.16
C GLU D 127 -17.63 51.41 -20.04
N SER D 128 -17.15 51.04 -21.22
CA SER D 128 -17.93 50.23 -22.14
C SER D 128 -18.09 48.81 -21.61
N MET D 129 -17.03 48.27 -21.03
CA MET D 129 -17.05 46.91 -20.49
C MET D 129 -18.01 46.80 -19.31
N ARG D 130 -17.96 47.77 -18.40
CA ARG D 130 -18.88 47.81 -17.28
C ARG D 130 -20.33 47.97 -17.73
N ALA D 131 -20.55 48.86 -18.69
CA ALA D 131 -21.90 49.10 -19.21
C ALA D 131 -22.50 47.84 -19.84
N HIS D 132 -21.63 46.92 -20.24
CA HIS D 132 -22.06 45.66 -20.84
C HIS D 132 -22.23 44.57 -19.79
N ASP D 133 -21.43 44.65 -18.74
CA ASP D 133 -21.47 43.68 -17.64
C ASP D 133 -20.64 44.19 -16.47
N ARG D 134 -21.27 44.97 -15.60
CA ARG D 134 -20.56 45.64 -14.52
C ARG D 134 -20.00 44.65 -13.49
N GLU D 135 -20.67 43.51 -13.34
CA GLU D 135 -20.23 42.52 -12.36
C GLU D 135 -18.93 41.83 -12.78
N MET D 136 -18.92 41.31 -14.00
CA MET D 136 -17.76 40.59 -14.51
C MET D 136 -16.59 41.51 -14.86
N ALA D 137 -16.89 42.67 -15.43
CA ALA D 137 -15.85 43.62 -15.81
C ALA D 137 -15.07 44.10 -14.59
N ASP D 138 -15.74 44.18 -13.44
CA ASP D 138 -15.10 44.58 -12.20
C ASP D 138 -14.16 43.49 -11.70
N GLU D 139 -14.41 42.25 -12.11
CA GLU D 139 -13.60 41.11 -11.70
C GLU D 139 -12.34 40.97 -12.54
N ILE D 140 -12.02 42.02 -13.29
CA ILE D 140 -10.82 42.04 -14.13
C ILE D 140 -9.88 43.14 -13.67
N LEU D 141 -10.45 44.15 -13.02
CA LEU D 141 -9.70 45.33 -12.59
C LEU D 141 -8.44 45.00 -11.79
N GLU D 142 -8.61 44.30 -10.67
CA GLU D 142 -7.46 43.94 -9.82
C GLU D 142 -6.44 42.98 -10.45
N PRO D 143 -6.91 41.94 -11.19
CA PRO D 143 -5.94 41.12 -11.92
C PRO D 143 -5.09 41.92 -12.91
N VAL D 144 -5.68 42.96 -13.50
CA VAL D 144 -4.93 43.83 -14.40
C VAL D 144 -3.91 44.67 -13.63
N PHE D 145 -4.35 45.23 -12.51
CA PHE D 145 -3.47 46.07 -11.69
C PHE D 145 -2.35 45.23 -11.08
N LEU D 146 -2.62 43.94 -10.89
CA LEU D 146 -1.62 42.99 -10.43
C LEU D 146 -0.54 42.86 -11.49
N PHE D 147 -0.99 42.62 -12.72
CA PHE D 147 -0.12 42.53 -13.88
C PHE D 147 0.67 43.83 -14.10
N MET D 148 -0.02 44.96 -14.00
CA MET D 148 0.61 46.25 -14.26
C MET D 148 1.70 46.61 -13.25
N ARG D 149 1.46 46.30 -11.99
CA ARG D 149 2.47 46.57 -10.96
C ARG D 149 3.63 45.58 -11.00
N ALA D 150 3.38 44.42 -11.58
CA ALA D 150 4.44 43.42 -11.75
C ALA D 150 5.39 43.84 -12.87
N GLN D 151 4.89 44.65 -13.79
CA GLN D 151 5.69 45.12 -14.92
C GLN D 151 6.88 45.97 -14.50
N THR D 152 6.75 46.68 -13.38
CA THR D 152 7.82 47.55 -12.91
C THR D 152 8.36 47.10 -11.56
N ASP D 153 8.06 45.85 -11.19
CA ASP D 153 8.56 45.30 -9.94
C ASP D 153 10.08 45.27 -9.93
N ARG D 154 10.68 45.68 -8.82
CA ARG D 154 12.12 45.74 -8.68
C ARG D 154 12.79 44.36 -8.81
N THR D 155 12.00 43.31 -8.62
CA THR D 155 12.51 41.95 -8.73
C THR D 155 12.98 41.61 -10.14
N ARG D 156 12.63 42.44 -11.12
CA ARG D 156 13.09 42.25 -12.49
C ARG D 156 14.59 42.48 -12.62
N ALA D 157 15.16 43.19 -11.64
CA ALA D 157 16.55 43.59 -11.71
C ALA D 157 17.43 42.92 -10.65
N ARG D 158 17.01 41.75 -10.18
CA ARG D 158 17.85 40.95 -9.31
C ARG D 158 17.84 39.49 -9.75
N PRO D 159 18.92 38.75 -9.45
CA PRO D 159 19.08 37.36 -9.89
C PRO D 159 17.91 36.48 -9.47
N MET D 160 17.34 35.79 -10.45
CA MET D 160 16.22 34.89 -10.21
C MET D 160 16.51 33.49 -10.74
N GLY D 161 16.19 32.48 -9.92
CA GLY D 161 16.26 31.11 -10.37
C GLY D 161 15.04 30.80 -11.22
N LEU D 162 15.01 29.64 -11.85
CA LEU D 162 13.90 29.25 -12.70
C LEU D 162 12.59 29.17 -11.92
N GLY D 163 12.67 28.67 -10.69
CA GLY D 163 11.49 28.55 -9.84
C GLY D 163 10.91 29.88 -9.41
N GLY D 164 11.76 30.76 -8.90
CA GLY D 164 11.34 32.07 -8.45
C GLY D 164 10.85 32.94 -9.60
N TYR D 165 11.42 32.72 -10.78
CA TYR D 165 11.02 33.45 -11.97
C TYR D 165 9.60 33.09 -12.40
N LEU D 166 9.32 31.79 -12.51
CA LEU D 166 8.00 31.32 -12.90
C LEU D 166 6.92 31.81 -11.92
N GLU D 167 7.31 31.97 -10.66
CA GLU D 167 6.40 32.48 -9.63
C GLU D 167 6.08 33.95 -9.90
N TYR D 168 7.10 34.72 -10.25
CA TYR D 168 6.93 36.13 -10.56
C TYR D 168 6.21 36.32 -11.90
N ARG D 169 6.64 35.55 -12.90
CA ARG D 169 6.11 35.71 -14.25
C ARG D 169 4.62 35.45 -14.33
N GLU D 170 4.10 34.71 -13.35
CA GLU D 170 2.67 34.44 -13.27
C GLU D 170 1.87 35.74 -13.24
N ARG D 171 2.47 36.76 -12.62
CA ARG D 171 1.84 38.08 -12.56
C ARG D 171 2.21 38.91 -13.80
N ASP D 172 3.47 38.84 -14.20
CA ASP D 172 3.95 39.61 -15.34
C ASP D 172 3.37 39.11 -16.67
N VAL D 173 2.99 37.84 -16.70
CA VAL D 173 2.36 37.28 -17.89
C VAL D 173 0.85 37.56 -17.87
N GLY D 174 0.37 38.08 -16.75
CA GLY D 174 -1.04 38.39 -16.59
C GLY D 174 -1.94 37.18 -16.65
N LYS D 175 -1.52 36.11 -15.97
CA LYS D 175 -2.28 34.86 -15.94
C LYS D 175 -3.70 35.06 -15.43
N GLU D 176 -3.83 35.83 -14.36
CA GLU D 176 -5.14 36.08 -13.76
C GLU D 176 -6.04 36.92 -14.65
N LEU D 177 -5.49 38.01 -15.19
CA LEU D 177 -6.27 38.89 -16.04
C LEU D 177 -6.74 38.16 -17.29
N LEU D 178 -5.92 37.27 -17.80
CA LEU D 178 -6.30 36.46 -18.96
C LEU D 178 -7.44 35.54 -18.60
N ALA D 179 -7.42 35.03 -17.37
CA ALA D 179 -8.47 34.13 -16.89
C ALA D 179 -9.77 34.89 -16.66
N ALA D 180 -9.66 36.06 -16.03
CA ALA D 180 -10.82 36.89 -15.74
C ALA D 180 -11.41 37.48 -17.02
N LEU D 181 -10.55 37.79 -17.99
CA LEU D 181 -11.00 38.31 -19.27
C LEU D 181 -11.71 37.20 -20.06
N MET D 182 -11.14 36.01 -20.03
CA MET D 182 -11.74 34.86 -20.70
C MET D 182 -13.14 34.59 -20.17
N ARG D 183 -13.26 34.55 -18.84
CA ARG D 183 -14.56 34.33 -18.21
C ARG D 183 -15.53 35.44 -18.58
N PHE D 184 -15.03 36.67 -18.65
CA PHE D 184 -15.84 37.82 -19.04
C PHE D 184 -16.42 37.62 -20.44
N SER D 185 -15.54 37.41 -21.42
CA SER D 185 -15.94 37.31 -22.82
C SER D 185 -16.81 36.09 -23.12
N MET D 186 -16.77 35.09 -22.24
CA MET D 186 -17.57 33.89 -22.43
C MET D 186 -18.84 33.96 -21.60
N GLY D 187 -18.84 34.85 -20.61
CA GLY D 187 -19.96 34.96 -19.68
C GLY D 187 -19.92 33.83 -18.68
N LEU D 188 -18.77 33.15 -18.61
CA LEU D 188 -18.59 32.01 -17.74
C LEU D 188 -18.39 32.47 -16.29
N LYS D 189 -19.37 32.18 -15.44
CA LYS D 189 -19.32 32.63 -14.05
C LYS D 189 -18.97 31.49 -13.10
N LEU D 190 -18.17 31.79 -12.08
CA LEU D 190 -17.71 30.79 -11.14
C LEU D 190 -17.77 31.27 -9.69
N SER D 191 -18.13 30.36 -8.79
CA SER D 191 -18.24 30.67 -7.37
C SER D 191 -16.85 30.73 -6.73
N PRO D 192 -16.74 31.41 -5.57
CA PRO D 192 -15.47 31.52 -4.84
C PRO D 192 -14.93 30.18 -4.37
N SER D 193 -15.73 29.11 -4.47
CA SER D 193 -15.26 27.76 -4.20
C SER D 193 -14.67 27.15 -5.47
N GLU D 194 -15.37 27.34 -6.58
CA GLU D 194 -14.95 26.80 -7.87
C GLU D 194 -13.62 27.37 -8.35
N LEU D 195 -13.31 28.60 -7.95
CA LEU D 195 -12.08 29.26 -8.35
C LEU D 195 -10.91 28.87 -7.45
N GLN D 196 -11.19 28.01 -6.47
CA GLN D 196 -10.17 27.57 -5.53
C GLN D 196 -9.89 26.08 -5.69
N ARG D 197 -10.54 25.47 -6.67
CA ARG D 197 -10.34 24.06 -6.98
C ARG D 197 -9.34 23.91 -8.12
N VAL D 198 -9.35 24.87 -9.04
CA VAL D 198 -8.46 24.86 -10.19
C VAL D 198 -7.28 25.81 -9.97
N ARG D 199 -7.01 26.12 -8.70
CA ARG D 199 -5.92 27.02 -8.34
C ARG D 199 -4.56 26.45 -8.74
N GLU D 200 -4.50 25.12 -8.84
CA GLU D 200 -3.26 24.45 -9.21
C GLU D 200 -3.15 24.31 -10.73
N ILE D 201 -4.28 24.07 -11.37
CA ILE D 201 -4.32 24.00 -12.83
C ILE D 201 -3.98 25.36 -13.43
N ASP D 202 -4.32 26.42 -12.72
CA ASP D 202 -3.95 27.78 -13.13
C ASP D 202 -2.44 27.98 -13.08
N ALA D 203 -1.83 27.57 -11.96
CA ALA D 203 -0.41 27.74 -11.75
C ALA D 203 0.42 27.05 -12.82
N ASN D 204 -0.04 25.89 -13.26
CA ASN D 204 0.66 25.13 -14.29
C ASN D 204 0.45 25.72 -15.68
N CYS D 205 -0.74 26.26 -15.92
CA CYS D 205 -1.05 26.91 -17.19
C CYS D 205 -0.21 28.17 -17.37
N SER D 206 0.02 28.88 -16.27
CA SER D 206 0.81 30.10 -16.30
C SER D 206 2.22 29.84 -16.81
N LYS D 207 2.84 28.77 -16.32
CA LYS D 207 4.21 28.43 -16.70
C LYS D 207 4.29 28.16 -18.20
N HIS D 208 3.26 27.53 -18.73
CA HIS D 208 3.22 27.20 -20.15
C HIS D 208 3.13 28.44 -21.01
N LEU D 209 2.23 29.36 -20.63
CA LEU D 209 2.07 30.62 -21.36
C LEU D 209 3.32 31.47 -21.26
N SER D 210 3.92 31.49 -20.07
CA SER D 210 5.10 32.31 -19.83
C SER D 210 6.30 31.87 -20.66
N VAL D 211 6.62 30.58 -20.58
CA VAL D 211 7.82 30.04 -21.23
C VAL D 211 7.70 29.98 -22.75
N VAL D 212 6.53 29.61 -23.25
CA VAL D 212 6.28 29.61 -24.70
C VAL D 212 6.51 31.00 -25.28
N ASN D 213 6.04 32.02 -24.57
CA ASN D 213 6.28 33.39 -24.98
C ASN D 213 7.77 33.75 -24.90
N ASP D 214 8.42 33.30 -23.83
CA ASP D 214 9.85 33.53 -23.63
C ASP D 214 10.68 32.99 -24.79
N ILE D 215 10.33 31.80 -25.25
CA ILE D 215 11.07 31.14 -26.33
C ILE D 215 11.03 31.94 -27.63
N TYR D 216 9.84 32.35 -28.03
CA TYR D 216 9.66 33.02 -29.32
C TYR D 216 9.99 34.51 -29.31
N SER D 217 9.84 35.14 -28.15
CA SER D 217 10.06 36.58 -28.04
C SER D 217 11.47 36.92 -27.59
N TYR D 218 12.33 35.92 -27.51
CA TYR D 218 13.67 36.13 -26.96
C TYR D 218 14.51 37.10 -27.78
N GLU D 219 14.57 36.88 -29.09
CA GLU D 219 15.36 37.74 -29.98
C GLU D 219 14.91 39.18 -29.88
N LYS D 220 13.60 39.39 -29.84
CA LYS D 220 13.02 40.72 -29.67
C LYS D 220 13.47 41.34 -28.36
N GLU D 221 13.39 40.56 -27.28
CA GLU D 221 13.72 41.07 -25.96
C GLU D 221 15.22 41.14 -25.71
N LEU D 222 15.99 40.39 -26.49
CA LEU D 222 17.44 40.47 -26.42
C LEU D 222 17.90 41.80 -27.00
N TYR D 223 17.35 42.14 -28.16
CA TYR D 223 17.65 43.39 -28.83
C TYR D 223 17.23 44.56 -27.95
N THR D 224 16.08 44.42 -27.31
CA THR D 224 15.54 45.46 -26.44
C THR D 224 16.49 45.77 -25.28
N SER D 225 17.08 44.73 -24.72
CA SER D 225 17.98 44.88 -23.58
C SER D 225 19.26 45.62 -23.93
N LYS D 226 19.58 45.70 -25.21
CA LYS D 226 20.79 46.38 -25.65
C LYS D 226 20.51 47.77 -26.18
N THR D 227 19.23 48.10 -26.35
CA THR D 227 18.84 49.31 -27.05
C THR D 227 17.94 50.25 -26.25
N ALA D 228 17.15 49.68 -25.35
CA ALA D 228 16.18 50.47 -24.59
C ALA D 228 16.74 50.94 -23.26
N HIS D 229 15.85 51.28 -22.33
CA HIS D 229 16.26 51.74 -21.01
C HIS D 229 16.89 50.60 -20.22
N SER D 230 17.89 50.93 -19.41
CA SER D 230 18.64 49.92 -18.67
C SER D 230 17.78 49.19 -17.64
N GLU D 231 16.66 49.79 -17.27
CA GLU D 231 15.73 49.17 -16.35
C GLU D 231 14.53 48.57 -17.08
N GLY D 232 13.83 49.39 -17.84
CA GLY D 232 12.64 48.96 -18.54
C GLY D 232 12.89 47.88 -19.57
N GLY D 233 14.09 47.89 -20.15
CA GLY D 233 14.42 46.92 -21.18
C GLY D 233 15.18 45.73 -20.67
N ILE D 234 15.27 45.58 -19.35
CA ILE D 234 16.04 44.50 -18.73
C ILE D 234 15.59 43.12 -19.21
N LEU D 235 16.55 42.25 -19.48
CA LEU D 235 16.26 40.92 -20.02
C LEU D 235 15.76 39.98 -18.92
N CYS D 236 14.45 39.84 -18.82
CA CYS D 236 13.84 38.99 -17.80
C CYS D 236 13.05 37.86 -18.45
N THR D 237 13.70 36.71 -18.61
CA THR D 237 13.10 35.61 -19.33
C THR D 237 13.71 34.25 -18.93
N SER D 238 12.91 33.21 -19.05
CA SER D 238 13.33 31.86 -18.70
C SER D 238 14.46 31.37 -19.60
N VAL D 239 14.51 31.88 -20.83
CA VAL D 239 15.54 31.48 -21.78
C VAL D 239 16.92 31.89 -21.29
N GLN D 240 17.02 33.12 -20.79
CA GLN D 240 18.30 33.63 -20.30
C GLN D 240 18.69 32.95 -18.99
N ILE D 241 17.70 32.69 -18.14
CA ILE D 241 17.95 32.05 -16.85
C ILE D 241 18.47 30.62 -17.02
N LEU D 242 17.79 29.83 -17.84
CA LEU D 242 18.22 28.46 -18.10
C LEU D 242 19.57 28.42 -18.78
N ALA D 243 19.83 29.38 -19.66
CA ALA D 243 21.10 29.47 -20.35
C ALA D 243 22.24 29.71 -19.36
N GLN D 244 21.98 30.56 -18.36
CA GLN D 244 22.97 30.84 -17.32
C GLN D 244 23.12 29.64 -16.38
N GLU D 245 21.99 29.12 -15.91
CA GLU D 245 21.98 28.02 -14.95
C GLU D 245 22.65 26.76 -15.50
N ALA D 246 22.37 26.44 -16.76
CA ALA D 246 22.87 25.20 -17.36
C ALA D 246 24.12 25.41 -18.20
N ASP D 247 24.49 26.68 -18.38
CA ASP D 247 25.67 27.04 -19.16
C ASP D 247 25.57 26.56 -20.60
N VAL D 248 24.50 26.93 -21.27
CA VAL D 248 24.31 26.64 -22.69
C VAL D 248 23.90 27.92 -23.42
N THR D 249 23.82 27.86 -24.74
CA THR D 249 23.37 29.00 -25.52
C THR D 249 21.87 29.21 -25.32
N ALA D 250 21.39 30.39 -25.67
CA ALA D 250 19.97 30.68 -25.56
C ALA D 250 19.16 29.78 -26.47
N GLU D 251 19.74 29.43 -27.62
CA GLU D 251 19.07 28.56 -28.58
C GLU D 251 18.92 27.16 -28.03
N ALA D 252 19.93 26.71 -27.30
CA ALA D 252 19.88 25.40 -26.65
C ALA D 252 18.84 25.42 -25.54
N ALA D 253 18.74 26.54 -24.85
CA ALA D 253 17.77 26.68 -23.76
C ALA D 253 16.34 26.63 -24.28
N LYS D 254 16.11 27.20 -25.46
CA LYS D 254 14.79 27.18 -26.08
C LYS D 254 14.31 25.75 -26.32
N ARG D 255 15.18 24.93 -26.90
CA ARG D 255 14.84 23.54 -27.21
C ARG D 255 14.51 22.76 -25.95
N VAL D 256 15.27 23.02 -24.89
CA VAL D 256 15.04 22.36 -23.60
C VAL D 256 13.75 22.85 -22.96
N LEU D 257 13.55 24.17 -22.95
CA LEU D 257 12.33 24.76 -22.39
C LEU D 257 11.07 24.29 -23.12
N PHE D 258 11.20 24.08 -24.43
CA PHE D 258 10.06 23.65 -25.24
C PHE D 258 9.60 22.25 -24.84
N VAL D 259 10.56 21.37 -24.55
CA VAL D 259 10.27 20.03 -24.07
C VAL D 259 9.60 20.10 -22.70
N MET D 260 10.08 21.00 -21.86
CA MET D 260 9.48 21.24 -20.55
C MET D 260 8.03 21.71 -20.68
N CYS D 261 7.74 22.49 -21.71
CA CYS D 261 6.39 22.97 -21.95
C CYS D 261 5.42 21.83 -22.24
N ARG D 262 5.91 20.83 -22.96
CA ARG D 262 5.11 19.65 -23.28
C ARG D 262 4.76 18.87 -22.02
N GLU D 263 5.69 18.84 -21.07
CA GLU D 263 5.46 18.18 -19.80
C GLU D 263 4.40 18.94 -19.00
N TRP D 264 4.35 20.25 -19.18
CA TRP D 264 3.34 21.07 -18.51
C TRP D 264 1.96 20.83 -19.11
N GLU D 265 1.94 20.51 -20.41
CA GLU D 265 0.71 20.13 -21.08
C GLU D 265 0.23 18.78 -20.55
N LEU D 266 1.19 17.87 -20.43
CA LEU D 266 0.93 16.52 -19.92
C LEU D 266 0.41 16.59 -18.49
N ARG D 267 0.94 17.53 -17.72
CA ARG D 267 0.49 17.73 -16.34
C ARG D 267 -0.89 18.37 -16.33
N HIS D 268 -1.17 19.21 -17.32
CA HIS D 268 -2.48 19.84 -17.43
C HIS D 268 -3.56 18.79 -17.66
N GLN D 269 -3.34 17.92 -18.66
CA GLN D 269 -4.27 16.84 -18.96
C GLN D 269 -4.47 15.94 -17.75
N LEU D 270 -3.40 15.76 -16.98
CA LEU D 270 -3.44 14.91 -15.80
C LEU D 270 -4.28 15.52 -14.69
N LEU D 271 -4.04 16.80 -14.40
CA LEU D 271 -4.81 17.51 -13.37
C LEU D 271 -6.29 17.63 -13.75
N VAL D 272 -6.57 17.60 -15.05
CA VAL D 272 -7.94 17.72 -15.52
C VAL D 272 -8.74 16.44 -15.23
N ALA D 273 -8.20 15.30 -15.70
CA ALA D 273 -8.87 14.02 -15.50
C ALA D 273 -8.89 13.61 -14.03
N ARG D 274 -8.02 14.23 -13.24
CA ARG D 274 -7.97 13.95 -11.81
C ARG D 274 -9.04 14.74 -11.06
N LEU D 275 -9.43 15.87 -11.64
CA LEU D 275 -10.55 16.65 -11.11
C LEU D 275 -11.84 15.99 -11.58
N SER D 276 -11.73 15.20 -12.65
CA SER D 276 -12.87 14.49 -13.22
C SER D 276 -13.10 13.16 -12.50
N ALA D 277 -12.00 12.51 -12.11
CA ALA D 277 -12.08 11.29 -11.33
C ALA D 277 -12.68 11.60 -9.97
N GLU D 278 -12.32 12.75 -9.42
CA GLU D 278 -12.93 13.25 -8.19
C GLU D 278 -14.30 13.84 -8.50
N GLY D 279 -14.91 14.46 -7.50
CA GLY D 279 -16.24 15.04 -7.68
C GLY D 279 -16.25 16.55 -7.72
N LEU D 280 -15.25 17.12 -8.38
CA LEU D 280 -15.16 18.58 -8.51
C LEU D 280 -15.34 19.02 -9.95
N GLU D 281 -15.49 18.04 -10.85
CA GLU D 281 -15.77 18.31 -12.26
C GLU D 281 -17.16 18.90 -12.42
N THR D 282 -17.23 20.22 -12.31
CA THR D 282 -18.49 20.93 -12.52
C THR D 282 -18.58 21.36 -13.97
N PRO D 283 -19.79 21.68 -14.45
CA PRO D 283 -19.94 22.07 -15.86
C PRO D 283 -19.23 23.37 -16.19
N GLY D 284 -19.13 24.27 -15.22
CA GLY D 284 -18.47 25.55 -15.41
C GLY D 284 -16.96 25.40 -15.46
N LEU D 285 -16.42 24.59 -14.56
CA LEU D 285 -14.99 24.28 -14.56
C LEU D 285 -14.62 23.48 -15.79
N ALA D 286 -15.58 22.73 -16.32
CA ALA D 286 -15.35 21.91 -17.50
C ALA D 286 -14.99 22.78 -18.71
N ALA D 287 -15.71 23.89 -18.84
CA ALA D 287 -15.47 24.82 -19.95
C ALA D 287 -14.26 25.70 -19.67
N TYR D 288 -14.00 25.96 -18.39
CA TYR D 288 -12.88 26.79 -17.98
C TYR D 288 -11.54 26.14 -18.32
N VAL D 289 -11.39 24.87 -17.94
CA VAL D 289 -10.14 24.15 -18.17
C VAL D 289 -9.89 23.90 -19.65
N GLU D 290 -10.96 23.90 -20.44
CA GLU D 290 -10.83 23.79 -21.89
C GLU D 290 -10.40 25.13 -22.44
N GLY D 291 -10.85 26.19 -21.78
CA GLY D 291 -10.51 27.54 -22.16
C GLY D 291 -9.03 27.83 -21.92
N LEU D 292 -8.48 27.25 -20.87
CA LEU D 292 -7.07 27.40 -20.55
C LEU D 292 -6.20 26.72 -21.61
N GLU D 293 -6.65 25.57 -22.10
CA GLU D 293 -5.94 24.86 -23.16
C GLU D 293 -5.93 25.68 -24.44
N TYR D 294 -7.01 26.44 -24.65
CA TYR D 294 -7.11 27.31 -25.80
C TYR D 294 -6.12 28.46 -25.69
N GLN D 295 -5.96 28.99 -24.49
CA GLN D 295 -4.97 30.02 -24.22
C GLN D 295 -3.57 29.49 -24.49
N MET D 296 -3.33 28.24 -24.11
CA MET D 296 -2.00 27.64 -24.26
C MET D 296 -1.65 27.32 -25.71
N SER D 297 -2.54 26.61 -26.39
CA SER D 297 -2.31 26.25 -27.79
C SER D 297 -2.41 27.49 -28.69
N GLY D 298 -3.31 28.41 -28.34
CA GLY D 298 -3.48 29.62 -29.12
C GLY D 298 -2.28 30.53 -29.01
N ASN D 299 -1.71 30.60 -27.82
CA ASN D 299 -0.50 31.39 -27.59
C ASN D 299 0.66 30.91 -28.44
N GLU D 300 0.82 29.59 -28.50
CA GLU D 300 1.91 28.98 -29.27
C GLU D 300 1.74 29.23 -30.77
N LEU D 301 0.51 29.05 -31.27
CA LEU D 301 0.23 29.23 -32.70
C LEU D 301 0.58 30.65 -33.13
N TRP D 302 0.11 31.63 -32.37
CA TRP D 302 0.36 33.02 -32.69
C TRP D 302 1.84 33.37 -32.57
N SER D 303 2.44 32.97 -31.46
CA SER D 303 3.84 33.31 -31.18
C SER D 303 4.79 32.82 -32.27
N GLN D 304 4.49 31.68 -32.87
CA GLN D 304 5.38 31.10 -33.87
C GLN D 304 5.13 31.64 -35.28
N THR D 305 4.13 32.51 -35.42
CA THR D 305 3.78 33.06 -36.73
C THR D 305 3.83 34.59 -36.79
N THR D 306 3.52 35.25 -35.68
CA THR D 306 3.43 36.71 -35.65
C THR D 306 4.76 37.37 -36.00
N LEU D 307 4.69 38.47 -36.76
CA LEU D 307 5.90 39.20 -37.16
C LEU D 307 6.52 39.94 -36.00
N ARG D 308 5.76 40.09 -34.92
CA ARG D 308 6.26 40.75 -33.72
C ARG D 308 7.51 40.05 -33.19
N TYR D 309 7.55 38.74 -33.32
CA TYR D 309 8.68 37.96 -32.81
C TYR D 309 9.64 37.54 -33.92
N SER D 310 9.18 37.63 -35.17
CA SER D 310 9.99 37.22 -36.32
C SER D 310 10.88 38.34 -36.84
N VAL D 311 10.36 39.57 -36.81
CA VAL D 311 11.12 40.73 -37.25
C VAL D 311 11.21 41.77 -36.14
P1 POP E . 0.61 -33.67 11.07
O1 POP E . -0.75 -33.69 11.72
O2 POP E . 1.69 -34.40 11.84
O3 POP E . 1.03 -32.30 10.61
O POP E . 0.42 -34.49 9.71
P2 POP E . -0.10 -36.02 9.65
O4 POP E . -1.57 -35.91 9.90
O5 POP E . 0.24 -36.45 8.24
O6 POP E . 0.67 -36.76 10.71
MG MG F . 3.01 -33.74 13.30
MG MG G . -2.59 -34.52 11.11
MG MG H . 1.84 -36.42 12.36
C1 GOL I . 4.78 -36.41 16.77
O1 GOL I . 4.85 -36.16 15.38
C2 GOL I . 5.30 -35.19 17.52
O2 GOL I . 4.60 -34.04 17.10
C3 GOL I . 5.10 -35.40 19.02
O3 GOL I . 6.24 -34.97 19.72
C1 GOL J . -4.16 -34.47 -9.71
O1 GOL J . -4.34 -34.94 -11.02
C2 GOL J . -3.38 -35.50 -8.89
O2 GOL J . -4.30 -36.32 -8.21
C3 GOL J . -2.52 -36.35 -9.82
O3 GOL J . -1.80 -37.30 -9.06
MG MG K . -12.62 -31.49 -4.96
C1 1SS L . 1.35 -33.56 6.83
C2 1SS L . 0.59 -32.34 6.31
C3 1SS L . 1.55 -31.34 5.66
C4 1SS L . 2.66 -30.98 6.64
C5 1SS L . 3.33 -32.23 7.16
C6 1SS L . 3.70 -30.11 5.97
C7 1SS L . 4.81 -29.72 6.93
C8 1SS L . 5.49 -30.94 7.59
C9 1SS L . 4.44 -31.89 8.16
C10 1SS L . 3.09 -34.32 8.29
C11 1SS L . 2.05 -30.24 7.82
C12 1SS L . 6.38 -31.63 6.59
C13 1SS L . 7.20 -30.80 5.66
C14 1SS L . 6.45 -32.95 6.53
N1 1SS L . 2.37 -33.14 7.80
C1 1SS M . -34.50 -14.39 24.09
C2 1SS M . -34.74 -15.77 23.52
C3 1SS M . -35.72 -16.54 24.41
C4 1SS M . -35.15 -16.62 25.82
C5 1SS M . -34.80 -15.24 26.34
C6 1SS M . -36.14 -17.26 26.78
C7 1SS M . -35.57 -17.34 28.19
C8 1SS M . -35.03 -16.02 28.74
C9 1SS M . -34.13 -15.33 27.71
C10 1SS M . -33.83 -13.13 26.01
C11 1SS M . -33.88 -17.48 25.76
C12 1SS M . -36.15 -15.10 29.14
C13 1SS M . -37.41 -15.68 29.73
C14 1SS M . -36.05 -13.79 29.00
N1 1SS M . -33.93 -14.47 25.44
P1 POP N . -30.50 -12.72 24.64
O1 POP N . -30.68 -14.05 25.33
O2 POP N . -29.37 -12.67 23.64
O3 POP N . -30.53 -11.55 25.59
O POP N . -31.84 -12.58 23.76
P2 POP N . -32.08 -11.41 22.68
O4 POP N . -33.56 -11.46 22.42
O5 POP N . -31.25 -11.85 21.50
O6 POP N . -31.62 -10.14 23.34
MG MG O . -29.71 -11.49 27.52
MG MG P . -29.35 -12.69 21.52
MG MG Q . -30.74 -9.52 25.12
C1 GOL R . -47.56 -13.47 50.61
O1 GOL R . -46.54 -12.88 49.85
C2 GOL R . -47.75 -14.92 50.15
O2 GOL R . -46.60 -15.34 49.47
C3 GOL R . -48.00 -15.81 51.37
O3 GOL R . -48.18 -17.14 50.94
P1 POP S . 26.68 9.33 -7.02
O1 POP S . 25.26 9.83 -6.98
O2 POP S . 27.23 8.88 -5.68
O3 POP S . 27.62 10.21 -7.80
O POP S . 26.63 7.99 -7.92
P2 POP S . 25.67 6.73 -7.60
O4 POP S . 24.46 6.99 -8.46
O5 POP S . 26.48 5.55 -8.08
O6 POP S . 25.42 6.74 -6.12
MG MG T . 27.71 10.32 -4.13
MG MG U . 23.53 9.14 -8.35
MG MG V . 26.00 7.74 -4.44
C1 GOL W . 39.41 28.89 -24.49
O1 GOL W . 39.15 29.15 -23.13
C2 GOL W . 40.88 28.55 -24.69
O2 GOL W . 41.00 27.39 -25.48
C3 GOL W . 41.60 29.71 -25.37
O3 GOL W . 42.24 30.51 -24.41
C1 1SS X . 28.98 6.89 -9.76
C2 1SS X . 29.18 7.61 -11.08
C3 1SS X . 30.67 7.79 -11.37
C4 1SS X . 31.32 8.52 -10.21
C5 1SS X . 31.06 7.80 -8.91
C6 1SS X . 32.83 8.60 -10.42
C7 1SS X . 33.52 9.33 -9.27
C8 1SS X . 33.19 8.76 -7.90
C9 1SS X . 31.68 8.55 -7.74
C10 1SS X . 29.44 6.94 -7.40
C11 1SS X . 30.74 9.93 -10.13
C12 1SS X . 33.94 7.48 -7.66
C13 1SS X . 35.35 7.36 -8.15
C14 1SS X . 33.38 6.47 -7.01
N1 1SS X . 29.62 7.65 -8.67
P1 POP Y . 6.00 39.92 -22.52
O1 POP Y . 7.21 39.02 -22.49
O2 POP Y . 6.27 41.40 -22.40
O3 POP Y . 4.87 39.43 -21.63
O POP Y . 5.40 39.71 -24.01
P2 POP Y . 6.16 40.18 -25.35
O4 POP Y . 6.75 41.53 -25.03
O5 POP Y . 5.06 40.22 -26.39
O6 POP Y . 7.15 39.08 -25.60
MG MG Z . 5.89 42.33 -20.62
MG MG AA . 8.10 37.93 -24.17
MG MG BA . 7.40 42.86 -23.63
C1 1SS CA . 2.45 38.82 -24.83
C2 1SS CA . 1.97 37.38 -24.71
C3 1SS CA . 0.51 37.36 -24.29
C4 1SS CA . 0.35 38.08 -22.97
C5 1SS CA . 0.90 39.49 -23.07
C6 1SS CA . -1.10 38.18 -22.57
C7 1SS CA . -1.26 38.87 -21.21
C8 1SS CA . -0.58 40.24 -21.12
C9 1SS CA . 0.83 40.20 -21.72
C10 1SS CA . 2.66 40.94 -23.71
C11 1SS CA . 1.13 37.30 -21.91
C12 1SS CA . -1.42 41.29 -21.80
C13 1SS CA . -2.91 41.25 -21.59
C14 1SS CA . -0.88 42.22 -22.56
N1 1SS CA . 2.29 39.52 -23.54
#